data_5CLO
#
_entry.id   5CLO
#
_cell.length_a   56.720
_cell.length_b   61.166
_cell.length_c   75.826
_cell.angle_alpha   98.290
_cell.angle_beta   95.160
_cell.angle_gamma   91.180
#
_symmetry.space_group_name_H-M   'P 1'
#
loop_
_entity.id
_entity.type
_entity.pdbx_description
1 polymer '2-hydroxymuconate tautomerase'
2 non-polymer 'trans beta nitrostyrene'
3 water water
#
_entity_poly.entity_id   1
_entity_poly.type   'polypeptide(L)'
_entity_poly.pdbx_seq_one_letter_code
;PIAQIHILEGRSDEQKETLIREVSEAISRSLDAPLTSVRVIITEYAKGHAGIGGELASK
;
_entity_poly.pdbx_strand_id   A,B,C,D,E,F,G,H,I,J,K,L,M,N,O,P,Q,R
#
loop_
_chem_comp.id
_chem_comp.type
_chem_comp.name
_chem_comp.formula
NS8 non-polymer 'trans beta nitrostyrene' 'C8 H7 N O2'
#
# COMPACT_ATOMS: atom_id res chain seq x y z
N PRO A 1 -37.82 10.38 2.60
CA PRO A 1 -36.72 9.91 3.45
C PRO A 1 -35.55 9.35 2.65
N ILE A 2 -34.33 9.64 3.10
CA ILE A 2 -33.13 9.21 2.39
C ILE A 2 -32.24 8.39 3.30
N ALA A 3 -31.89 7.19 2.86
CA ALA A 3 -31.03 6.30 3.63
C ALA A 3 -29.69 6.05 2.96
N GLN A 4 -28.61 6.41 3.64
CA GLN A 4 -27.29 6.01 3.17
C GLN A 4 -26.79 4.83 3.99
N ILE A 5 -26.53 3.72 3.32
CA ILE A 5 -26.10 2.52 4.03
C ILE A 5 -24.64 2.20 3.73
N HIS A 6 -23.83 2.22 4.78
CA HIS A 6 -22.40 1.93 4.66
C HIS A 6 -22.12 0.49 5.04
N ILE A 7 -21.61 -0.29 4.09
CA ILE A 7 -21.33 -1.70 4.31
C ILE A 7 -19.94 -2.03 3.77
N LEU A 8 -19.40 -3.15 4.24
CA LEU A 8 -18.12 -3.63 3.73
C LEU A 8 -18.35 -4.24 2.35
N GLU A 9 -17.40 -4.05 1.45
CA GLU A 9 -17.51 -4.58 0.10
C GLU A 9 -17.42 -6.10 0.09
N GLY A 10 -17.80 -6.70 -1.04
CA GLY A 10 -17.71 -8.14 -1.17
C GLY A 10 -19.01 -8.85 -1.43
N ARG A 11 -20.12 -8.11 -1.41
CA ARG A 11 -21.42 -8.72 -1.65
C ARG A 11 -21.82 -8.73 -3.11
N SER A 12 -22.72 -9.64 -3.46
CA SER A 12 -23.18 -9.81 -4.82
C SER A 12 -24.25 -8.75 -5.09
N ASP A 13 -24.54 -8.50 -6.36
CA ASP A 13 -25.59 -7.54 -6.71
C ASP A 13 -26.94 -7.92 -6.13
N GLU A 14 -27.21 -9.23 -6.10
CA GLU A 14 -28.51 -9.72 -5.66
C GLU A 14 -28.77 -9.51 -4.17
N GLN A 15 -27.75 -9.73 -3.35
CA GLN A 15 -27.88 -9.48 -1.91
C GLN A 15 -28.10 -7.99 -1.63
N LYS A 16 -27.40 -7.14 -2.37
CA LYS A 16 -27.49 -5.70 -2.16
C LYS A 16 -28.80 -5.15 -2.70
N GLU A 17 -29.38 -5.82 -3.68
CA GLU A 17 -30.71 -5.50 -4.15
C GLU A 17 -31.73 -5.84 -3.07
N THR A 18 -31.54 -6.97 -2.41
CA THR A 18 -32.39 -7.38 -1.31
C THR A 18 -32.28 -6.41 -0.14
N LEU A 19 -31.04 -5.99 0.14
CA LEU A 19 -30.80 -5.00 1.19
C LEU A 19 -31.57 -3.70 0.95
N ILE A 20 -31.49 -3.20 -0.28
CA ILE A 20 -32.17 -1.96 -0.66
C ILE A 20 -33.69 -2.07 -0.49
N ARG A 21 -34.27 -3.16 -0.96
CA ARG A 21 -35.70 -3.34 -0.85
C ARG A 21 -36.20 -3.43 0.58
N GLU A 22 -35.58 -4.29 1.37
CA GLU A 22 -36.04 -4.54 2.73
C GLU A 22 -35.85 -3.30 3.61
N VAL A 23 -34.76 -2.58 3.41
CA VAL A 23 -34.54 -1.34 4.14
C VAL A 23 -35.60 -0.33 3.73
N SER A 24 -35.90 -0.28 2.42
CA SER A 24 -36.91 0.63 1.90
C SER A 24 -38.29 0.32 2.49
N GLU A 25 -38.60 -0.97 2.58
CA GLU A 25 -39.87 -1.41 3.16
C GLU A 25 -39.95 -1.03 4.63
N ALA A 26 -38.86 -1.26 5.36
CA ALA A 26 -38.80 -0.95 6.78
C ALA A 26 -39.01 0.54 7.06
N ILE A 27 -38.42 1.38 6.24
CA ILE A 27 -38.56 2.83 6.37
C ILE A 27 -40.00 3.28 6.12
N SER A 28 -40.59 2.79 5.03
CA SER A 28 -41.97 3.13 4.68
C SER A 28 -42.91 2.68 5.79
N ARG A 29 -42.62 1.50 6.32
CA ARG A 29 -43.42 0.85 7.35
C ARG A 29 -43.38 1.63 8.67
N SER A 30 -42.16 1.98 9.08
CA SER A 30 -41.92 2.62 10.36
C SER A 30 -42.47 4.05 10.48
N LEU A 31 -42.49 4.75 9.36
CA LEU A 31 -42.80 6.19 9.35
C LEU A 31 -44.17 6.50 8.76
N ASP A 32 -44.82 5.49 8.18
CA ASP A 32 -46.06 5.66 7.43
C ASP A 32 -45.83 6.61 6.25
N ALA A 33 -44.75 6.37 5.52
CA ALA A 33 -44.43 7.17 4.35
C ALA A 33 -44.61 6.32 3.09
N PRO A 34 -45.04 6.95 1.98
CA PRO A 34 -45.19 6.22 0.73
C PRO A 34 -43.85 5.62 0.29
N LEU A 35 -43.87 4.35 -0.10
CA LEU A 35 -42.66 3.64 -0.50
C LEU A 35 -41.90 4.38 -1.60
N THR A 36 -42.65 4.95 -2.54
CA THR A 36 -42.06 5.69 -3.66
C THR A 36 -41.21 6.88 -3.24
N SER A 37 -41.43 7.38 -2.02
CA SER A 37 -40.70 8.52 -1.52
C SER A 37 -39.39 8.11 -0.83
N VAL A 38 -39.19 6.81 -0.69
CA VAL A 38 -38.01 6.30 0.00
C VAL A 38 -36.85 6.09 -0.95
N ARG A 39 -35.73 6.73 -0.64
CA ARG A 39 -34.51 6.54 -1.40
C ARG A 39 -33.39 5.94 -0.55
N VAL A 40 -32.73 4.96 -1.14
CA VAL A 40 -31.65 4.26 -0.49
C VAL A 40 -30.42 4.27 -1.40
N ILE A 41 -29.28 4.65 -0.83
CA ILE A 41 -28.02 4.61 -1.58
C ILE A 41 -26.99 3.82 -0.78
N ILE A 42 -26.28 2.94 -1.48
CA ILE A 42 -25.29 2.09 -0.83
C ILE A 42 -23.87 2.58 -1.10
N THR A 43 -23.07 2.64 -0.05
CA THR A 43 -21.65 2.94 -0.19
C THR A 43 -20.86 1.78 0.40
N GLU A 44 -19.97 1.22 -0.40
CA GLU A 44 -19.16 0.08 0.02
C GLU A 44 -17.78 0.54 0.50
N TYR A 45 -17.21 -0.20 1.45
CA TYR A 45 -15.89 0.15 1.95
C TYR A 45 -14.94 -1.05 1.93
N ALA A 46 -13.78 -0.86 1.30
CA ALA A 46 -12.74 -1.87 1.30
C ALA A 46 -12.22 -2.05 2.72
N LYS A 47 -11.63 -3.20 3.00
CA LYS A 47 -11.20 -3.54 4.36
C LYS A 47 -10.19 -2.54 4.92
N GLY A 48 -9.36 -1.96 4.05
CA GLY A 48 -8.37 -0.99 4.47
C GLY A 48 -8.94 0.40 4.68
N HIS A 49 -10.25 0.53 4.53
CA HIS A 49 -10.93 1.83 4.66
C HIS A 49 -11.88 1.84 5.84
N ALA A 50 -11.82 0.82 6.68
CA ALA A 50 -12.72 0.74 7.83
C ALA A 50 -11.97 0.36 9.10
N GLY A 51 -12.14 1.17 10.14
CA GLY A 51 -11.45 0.96 11.40
C GLY A 51 -12.36 0.86 12.61
N ILE A 52 -12.01 -0.05 13.52
CA ILE A 52 -12.70 -0.15 14.80
C ILE A 52 -11.68 -0.19 15.93
N GLY A 53 -11.27 0.99 16.41
CA GLY A 53 -10.35 1.08 17.52
C GLY A 53 -8.94 1.42 17.07
N GLY A 54 -8.84 2.06 15.90
CA GLY A 54 -7.57 2.38 15.31
C GLY A 54 -7.06 1.24 14.45
N GLU A 55 -7.80 0.13 14.44
CA GLU A 55 -7.36 -1.05 13.72
C GLU A 55 -8.36 -1.45 12.64
N LEU A 56 -7.86 -2.08 11.58
CA LEU A 56 -8.70 -2.55 10.49
C LEU A 56 -9.58 -3.70 10.96
N ALA A 57 -10.44 -4.19 10.08
CA ALA A 57 -11.34 -5.29 10.40
C ALA A 57 -10.60 -6.62 10.50
N PRO B 1 -22.31 -2.62 9.75
CA PRO B 1 -23.02 -1.76 8.80
C PRO B 1 -23.55 -0.49 9.45
N ILE B 2 -23.48 0.63 8.74
CA ILE B 2 -23.94 1.91 9.28
C ILE B 2 -24.98 2.52 8.36
N ALA B 3 -26.14 2.83 8.91
CA ALA B 3 -27.20 3.44 8.14
C ALA B 3 -27.50 4.85 8.63
N GLN B 4 -27.35 5.82 7.74
CA GLN B 4 -27.77 7.19 8.03
C GLN B 4 -29.13 7.42 7.41
N ILE B 5 -30.13 7.75 8.22
CA ILE B 5 -31.46 7.94 7.71
C ILE B 5 -31.84 9.41 7.83
N HIS B 6 -32.07 10.05 6.69
CA HIS B 6 -32.46 11.45 6.66
C HIS B 6 -33.97 11.55 6.48
N ILE B 7 -34.65 12.15 7.45
CA ILE B 7 -36.10 12.25 7.41
C ILE B 7 -36.56 13.66 7.75
N LEU B 8 -37.79 13.99 7.37
CA LEU B 8 -38.39 15.25 7.75
C LEU B 8 -38.78 15.18 9.22
N GLU B 9 -38.63 16.29 9.93
CA GLU B 9 -38.99 16.31 11.35
C GLU B 9 -40.50 16.19 11.49
N GLY B 10 -40.96 15.87 12.69
CA GLY B 10 -42.38 15.75 12.93
C GLY B 10 -42.81 14.37 13.37
N ARG B 11 -41.87 13.43 13.38
CA ARG B 11 -42.19 12.07 13.81
C ARG B 11 -42.04 11.96 15.32
N SER B 12 -42.74 11.00 15.91
CA SER B 12 -42.70 10.80 17.36
C SER B 12 -41.45 9.99 17.72
N ASP B 13 -41.08 10.00 19.00
CA ASP B 13 -39.95 9.20 19.46
C ASP B 13 -40.18 7.72 19.19
N GLU B 14 -41.44 7.30 19.35
CA GLU B 14 -41.79 5.89 19.20
C GLU B 14 -41.69 5.43 17.75
N GLN B 15 -42.09 6.29 16.81
CA GLN B 15 -41.96 5.98 15.39
C GLN B 15 -40.50 5.82 15.00
N LYS B 16 -39.65 6.69 15.55
CA LYS B 16 -38.23 6.68 15.23
C LYS B 16 -37.50 5.51 15.91
N GLU B 17 -38.02 5.07 17.05
CA GLU B 17 -37.49 3.87 17.70
C GLU B 17 -37.83 2.64 16.85
N THR B 18 -39.04 2.64 16.30
CA THR B 18 -39.48 1.59 15.41
C THR B 18 -38.65 1.60 14.13
N LEU B 19 -38.37 2.80 13.62
CA LEU B 19 -37.53 2.96 12.44
C LEU B 19 -36.17 2.32 12.64
N ILE B 20 -35.55 2.60 13.78
CA ILE B 20 -34.25 2.05 14.12
C ILE B 20 -34.29 0.52 14.18
N ARG B 21 -35.31 -0.03 14.85
CA ARG B 21 -35.43 -1.47 14.99
C ARG B 21 -35.65 -2.16 13.65
N GLU B 22 -36.64 -1.67 12.91
CA GLU B 22 -37.07 -2.33 11.68
C GLU B 22 -35.99 -2.27 10.60
N VAL B 23 -35.31 -1.12 10.49
CA VAL B 23 -34.21 -0.98 9.55
C VAL B 23 -33.02 -1.86 9.95
N SER B 24 -32.71 -1.89 11.25
CA SER B 24 -31.60 -2.71 11.75
C SER B 24 -31.86 -4.18 11.49
N GLU B 25 -33.09 -4.62 11.74
CA GLU B 25 -33.46 -6.01 11.48
C GLU B 25 -33.34 -6.30 9.99
N ALA B 26 -33.81 -5.36 9.17
CA ALA B 26 -33.75 -5.52 7.72
C ALA B 26 -32.30 -5.64 7.24
N ILE B 27 -31.41 -4.83 7.81
CA ILE B 27 -29.99 -4.89 7.47
C ILE B 27 -29.41 -6.23 7.91
N SER B 28 -29.70 -6.62 9.14
CA SER B 28 -29.21 -7.88 9.69
C SER B 28 -29.71 -9.08 8.88
N ARG B 29 -31.00 -9.07 8.56
CA ARG B 29 -31.62 -10.16 7.81
C ARG B 29 -31.13 -10.22 6.37
N SER B 30 -31.07 -9.07 5.71
CA SER B 30 -30.68 -9.01 4.30
C SER B 30 -29.23 -9.45 4.07
N LEU B 31 -28.38 -9.21 5.06
CA LEU B 31 -26.95 -9.43 4.90
C LEU B 31 -26.46 -10.66 5.66
N ASP B 32 -27.33 -11.22 6.49
CA ASP B 32 -26.96 -12.31 7.40
C ASP B 32 -25.82 -11.86 8.30
N ALA B 33 -25.97 -10.65 8.83
CA ALA B 33 -24.99 -10.05 9.72
C ALA B 33 -25.56 -9.97 11.13
N PRO B 34 -24.71 -10.09 12.15
CA PRO B 34 -25.20 -9.99 13.52
C PRO B 34 -25.87 -8.64 13.76
N LEU B 35 -27.04 -8.67 14.38
CA LEU B 35 -27.81 -7.47 14.66
C LEU B 35 -27.00 -6.42 15.43
N THR B 36 -26.19 -6.89 16.38
CA THR B 36 -25.36 -6.02 17.21
C THR B 36 -24.35 -5.19 16.42
N SER B 37 -24.02 -5.63 15.21
CA SER B 37 -23.03 -4.93 14.40
C SER B 37 -23.67 -3.83 13.56
N VAL B 38 -24.99 -3.76 13.59
CA VAL B 38 -25.72 -2.78 12.79
C VAL B 38 -25.96 -1.48 13.56
N ARG B 39 -25.51 -0.37 12.99
CA ARG B 39 -25.75 0.94 13.58
C ARG B 39 -26.61 1.84 12.70
N VAL B 40 -27.56 2.50 13.35
CA VAL B 40 -28.47 3.41 12.68
C VAL B 40 -28.43 4.77 13.35
N ILE B 41 -28.27 5.82 12.54
CA ILE B 41 -28.32 7.18 13.05
C ILE B 41 -29.31 8.00 12.24
N ILE B 42 -30.16 8.75 12.94
CA ILE B 42 -31.21 9.53 12.32
C ILE B 42 -30.91 11.03 12.30
N THR B 43 -31.14 11.66 11.16
CA THR B 43 -31.03 13.11 11.06
C THR B 43 -32.36 13.69 10.58
N GLU B 44 -32.89 14.66 11.32
CA GLU B 44 -34.16 15.28 10.99
C GLU B 44 -34.00 16.58 10.22
N TYR B 45 -34.95 16.88 9.35
CA TYR B 45 -34.90 18.11 8.57
C TYR B 45 -36.20 18.91 8.62
N ALA B 46 -36.09 20.18 9.01
CA ALA B 46 -37.23 21.08 8.96
C ALA B 46 -37.63 21.28 7.51
N LYS B 47 -38.89 21.64 7.27
CA LYS B 47 -39.41 21.69 5.91
C LYS B 47 -38.61 22.68 5.05
N GLY B 48 -38.10 23.74 5.66
CA GLY B 48 -37.32 24.73 4.94
C GLY B 48 -35.88 24.33 4.66
N HIS B 49 -35.54 23.11 5.08
CA HIS B 49 -34.17 22.61 4.89
C HIS B 49 -34.19 21.40 3.96
N ALA B 50 -35.33 21.17 3.32
CA ALA B 50 -35.50 20.05 2.41
C ALA B 50 -36.23 20.45 1.13
N GLY B 51 -35.63 20.13 -0.01
CA GLY B 51 -36.21 20.50 -1.30
C GLY B 51 -36.44 19.32 -2.24
N ILE B 52 -37.55 19.37 -2.98
CA ILE B 52 -37.81 18.37 -4.02
C ILE B 52 -38.17 19.07 -5.32
N GLY B 53 -37.15 19.39 -6.10
CA GLY B 53 -37.34 20.00 -7.41
C GLY B 53 -37.08 21.49 -7.33
N GLY B 54 -36.27 21.88 -6.34
CA GLY B 54 -35.98 23.29 -6.12
C GLY B 54 -36.99 23.94 -5.20
N GLU B 55 -38.00 23.18 -4.81
CA GLU B 55 -39.11 23.68 -4.01
C GLU B 55 -39.16 22.96 -2.68
N LEU B 56 -39.68 23.60 -1.65
CA LEU B 56 -39.74 22.94 -0.35
C LEU B 56 -40.72 21.78 -0.52
N ALA B 57 -40.48 20.69 0.20
CA ALA B 57 -41.29 19.50 0.03
C ALA B 57 -42.68 19.69 0.60
N PRO C 1 -30.75 12.65 -8.17
CA PRO C 1 -29.51 13.15 -7.53
C PRO C 1 -29.78 13.76 -6.17
N ILE C 2 -28.89 13.53 -5.21
CA ILE C 2 -29.08 14.03 -3.87
C ILE C 2 -27.90 14.87 -3.41
N ALA C 3 -28.21 16.10 -3.01
CA ALA C 3 -27.19 16.99 -2.48
C ALA C 3 -27.50 17.34 -1.04
N GLN C 4 -26.55 16.95 -0.21
CA GLN C 4 -26.49 17.37 1.17
C GLN C 4 -25.46 18.45 1.37
N ILE C 5 -25.97 19.59 1.81
CA ILE C 5 -25.20 20.82 1.95
C ILE C 5 -25.03 21.14 3.42
N HIS C 6 -23.78 21.17 3.85
CA HIS C 6 -23.45 21.46 5.23
C HIS C 6 -23.04 22.91 5.36
N ILE C 7 -23.78 23.66 6.17
CA ILE C 7 -23.51 25.09 6.32
C ILE C 7 -23.52 25.49 7.79
N LEU C 8 -22.88 26.61 8.07
CA LEU C 8 -22.91 27.22 9.39
C LEU C 8 -24.26 27.91 9.57
N GLU C 9 -24.80 27.86 10.79
CA GLU C 9 -26.09 28.48 11.06
C GLU C 9 -26.00 30.00 11.00
N GLY C 10 -27.16 30.65 10.90
CA GLY C 10 -27.18 32.10 10.86
C GLY C 10 -27.76 32.66 9.57
N ARG C 11 -28.10 31.79 8.63
CA ARG C 11 -28.64 32.24 7.35
C ARG C 11 -30.16 32.39 7.43
N SER C 12 -30.71 33.21 6.53
CA SER C 12 -32.15 33.49 6.54
C SER C 12 -32.93 32.37 5.88
N ASP C 13 -34.24 32.35 6.13
CA ASP C 13 -35.14 31.38 5.50
C ASP C 13 -35.08 31.55 3.99
N GLU C 14 -34.97 32.80 3.55
CA GLU C 14 -34.95 33.11 2.13
C GLU C 14 -33.66 32.64 1.45
N GLN C 15 -32.53 32.81 2.13
CA GLN C 15 -31.25 32.36 1.60
C GLN C 15 -31.19 30.85 1.42
N LYS C 16 -31.73 30.13 2.39
CA LYS C 16 -31.71 28.68 2.38
C LYS C 16 -32.72 28.13 1.38
N GLU C 17 -33.81 28.88 1.20
CA GLU C 17 -34.80 28.55 0.18
C GLU C 17 -34.25 28.82 -1.22
N THR C 18 -33.50 29.91 -1.34
CA THR C 18 -32.82 30.25 -2.58
C THR C 18 -31.73 29.23 -2.90
N LEU C 19 -31.01 28.81 -1.86
CA LEU C 19 -29.97 27.78 -2.00
C LEU C 19 -30.53 26.51 -2.61
N ILE C 20 -31.66 26.06 -2.10
CA ILE C 20 -32.32 24.86 -2.61
C ILE C 20 -32.70 25.06 -4.07
N ARG C 21 -33.25 26.23 -4.40
CA ARG C 21 -33.66 26.51 -5.77
C ARG C 21 -32.47 26.49 -6.73
N GLU C 22 -31.46 27.28 -6.42
CA GLU C 22 -30.30 27.47 -7.30
C GLU C 22 -29.42 26.22 -7.43
N VAL C 23 -29.22 25.50 -6.32
CA VAL C 23 -28.44 24.26 -6.37
C VAL C 23 -29.15 23.21 -7.22
N SER C 24 -30.47 23.12 -7.06
CA SER C 24 -31.26 22.15 -7.82
C SER C 24 -31.20 22.43 -9.32
N GLU C 25 -31.28 23.70 -9.68
CA GLU C 25 -31.21 24.08 -11.08
C GLU C 25 -29.82 23.72 -11.63
N ALA C 26 -28.79 24.02 -10.84
CA ALA C 26 -27.41 23.75 -11.24
C ALA C 26 -27.17 22.25 -11.45
N ILE C 27 -27.72 21.42 -10.58
CA ILE C 27 -27.59 19.98 -10.72
C ILE C 27 -28.33 19.48 -11.96
N SER C 28 -29.56 19.94 -12.14
CA SER C 28 -30.39 19.53 -13.27
C SER C 28 -29.76 19.90 -14.60
N ARG C 29 -29.28 21.14 -14.70
CA ARG C 29 -28.65 21.65 -15.91
C ARG C 29 -27.30 21.00 -16.22
N SER C 30 -26.45 20.85 -15.20
CA SER C 30 -25.11 20.31 -15.40
C SER C 30 -25.15 18.85 -15.86
N LEU C 31 -26.17 18.12 -15.44
CA LEU C 31 -26.23 16.68 -15.66
C LEU C 31 -27.27 16.28 -16.71
N ASP C 32 -28.09 17.24 -17.12
CA ASP C 32 -29.24 16.98 -17.99
C ASP C 32 -30.16 15.97 -17.33
N ALA C 33 -30.43 16.19 -16.05
CA ALA C 33 -31.33 15.34 -15.28
C ALA C 33 -32.59 16.14 -14.97
N PRO C 34 -33.75 15.46 -14.93
CA PRO C 34 -35.01 16.14 -14.62
C PRO C 34 -34.97 16.81 -13.25
N LEU C 35 -35.42 18.07 -13.20
CA LEU C 35 -35.42 18.86 -11.97
C LEU C 35 -36.15 18.17 -10.81
N THR C 36 -37.28 17.55 -11.13
CA THR C 36 -38.09 16.86 -10.13
C THR C 36 -37.35 15.71 -9.45
N SER C 37 -36.28 15.24 -10.08
CA SER C 37 -35.50 14.14 -9.53
C SER C 37 -34.43 14.63 -8.57
N VAL C 38 -34.26 15.95 -8.47
CA VAL C 38 -33.24 16.51 -7.61
C VAL C 38 -33.76 16.79 -6.21
N ARG C 39 -33.10 16.20 -5.22
CA ARG C 39 -33.43 16.44 -3.82
C ARG C 39 -32.24 17.05 -3.11
N VAL C 40 -32.52 18.09 -2.32
CA VAL C 40 -31.49 18.79 -1.57
C VAL C 40 -31.88 18.83 -0.10
N ILE C 41 -30.93 18.48 0.77
CA ILE C 41 -31.16 18.58 2.20
C ILE C 41 -30.08 19.44 2.85
N ILE C 42 -30.51 20.34 3.71
CA ILE C 42 -29.61 21.28 4.37
C ILE C 42 -29.38 20.89 5.83
N THR C 43 -28.12 20.91 6.25
CA THR C 43 -27.78 20.69 7.64
C THR C 43 -27.02 21.90 8.17
N GLU C 44 -27.51 22.47 9.27
CA GLU C 44 -26.87 23.63 9.87
C GLU C 44 -25.94 23.22 10.99
N TYR C 45 -24.87 23.99 11.17
CA TYR C 45 -23.92 23.70 12.24
C TYR C 45 -23.67 24.94 13.07
N ALA C 46 -23.82 24.83 14.38
CA ALA C 46 -23.44 25.94 15.23
C ALA C 46 -21.92 26.05 15.08
N LYS C 47 -21.37 27.22 15.34
CA LYS C 47 -19.95 27.43 15.10
C LYS C 47 -19.08 26.45 15.85
N GLY C 48 -19.52 26.04 17.04
CA GLY C 48 -18.72 25.14 17.84
C GLY C 48 -18.78 23.72 17.34
N HIS C 49 -19.49 23.52 16.24
CA HIS C 49 -19.64 22.19 15.66
C HIS C 49 -19.02 22.15 14.26
N ALA C 50 -18.32 23.22 13.89
CA ALA C 50 -17.67 23.30 12.58
C ALA C 50 -16.25 23.85 12.73
N GLY C 51 -15.28 23.11 12.22
CA GLY C 51 -13.89 23.44 12.36
C GLY C 51 -13.00 23.55 11.13
N ILE C 52 -12.04 24.46 11.17
CA ILE C 52 -11.01 24.55 10.14
C ILE C 52 -9.65 24.55 10.84
N GLY C 53 -8.74 23.71 10.34
CA GLY C 53 -7.36 23.64 10.81
C GLY C 53 -7.09 23.96 12.27
N GLY C 54 -7.90 23.41 13.16
CA GLY C 54 -7.81 23.71 14.57
C GLY C 54 -8.86 24.71 14.99
N PRO D 1 -18.71 26.39 3.50
CA PRO D 1 -19.86 25.55 3.14
C PRO D 1 -19.44 24.27 2.43
N ILE D 2 -20.09 23.16 2.76
CA ILE D 2 -19.72 21.87 2.19
C ILE D 2 -20.92 21.18 1.55
N ALA D 3 -20.80 20.82 0.27
CA ALA D 3 -21.86 20.13 -0.43
C ALA D 3 -21.42 18.73 -0.83
N GLN D 4 -22.12 17.72 -0.36
CA GLN D 4 -21.89 16.35 -0.81
C GLN D 4 -22.96 15.98 -1.83
N ILE D 5 -22.54 15.68 -3.05
CA ILE D 5 -23.49 15.39 -4.13
C ILE D 5 -23.46 13.94 -4.59
N HIS D 6 -24.60 13.28 -4.44
CA HIS D 6 -24.75 11.89 -4.84
C HIS D 6 -25.47 11.77 -6.19
N ILE D 7 -24.79 11.17 -7.15
CA ILE D 7 -25.32 11.04 -8.51
C ILE D 7 -25.12 9.62 -9.04
N LEU D 8 -25.89 9.27 -10.06
CA LEU D 8 -25.71 7.99 -10.73
C LEU D 8 -24.46 8.07 -11.60
N GLU D 9 -23.71 6.97 -11.67
CA GLU D 9 -22.51 6.93 -12.50
C GLU D 9 -22.89 6.96 -13.97
N GLY D 10 -21.94 7.27 -14.83
CA GLY D 10 -22.17 7.29 -16.26
C GLY D 10 -21.94 8.63 -16.95
N ARG D 11 -21.68 9.68 -16.17
CA ARG D 11 -21.38 10.98 -16.76
C ARG D 11 -19.90 11.20 -17.03
N SER D 12 -19.63 12.11 -17.96
CA SER D 12 -18.28 12.43 -18.38
C SER D 12 -17.60 13.36 -17.39
N ASP D 13 -16.28 13.47 -17.44
CA ASP D 13 -15.55 14.37 -16.57
C ASP D 13 -15.98 15.82 -16.75
N GLU D 14 -16.28 16.20 -17.98
CA GLU D 14 -16.62 17.58 -18.28
C GLU D 14 -17.95 17.97 -17.63
N GLN D 15 -18.91 17.05 -17.67
CA GLN D 15 -20.21 17.29 -17.03
C GLN D 15 -20.07 17.45 -15.53
N LYS D 16 -19.21 16.62 -14.93
CA LYS D 16 -19.04 16.63 -13.49
C LYS D 16 -18.20 17.84 -13.06
N GLU D 17 -17.33 18.30 -13.96
CA GLU D 17 -16.60 19.53 -13.71
C GLU D 17 -17.54 20.73 -13.76
N THR D 18 -18.49 20.69 -14.70
CA THR D 18 -19.51 21.72 -14.78
C THR D 18 -20.39 21.68 -13.54
N LEU D 19 -20.72 20.48 -13.10
CA LEU D 19 -21.51 20.27 -11.89
C LEU D 19 -20.87 20.92 -10.66
N ILE D 20 -19.59 20.68 -10.47
CA ILE D 20 -18.87 21.24 -9.32
C ILE D 20 -18.86 22.77 -9.37
N ARG D 21 -18.52 23.32 -10.52
CA ARG D 21 -18.47 24.77 -10.70
C ARG D 21 -19.85 25.45 -10.57
N GLU D 22 -20.84 24.94 -11.28
CA GLU D 22 -22.15 25.60 -11.29
C GLU D 22 -22.83 25.52 -9.92
N VAL D 23 -22.68 24.38 -9.25
CA VAL D 23 -23.22 24.23 -7.89
C VAL D 23 -22.52 25.15 -6.90
N SER D 24 -21.20 25.27 -7.01
CA SER D 24 -20.42 26.11 -6.12
C SER D 24 -20.83 27.58 -6.22
N GLU D 25 -21.04 28.05 -7.45
CA GLU D 25 -21.48 29.43 -7.69
C GLU D 25 -22.85 29.65 -7.08
N ALA D 26 -23.75 28.69 -7.29
CA ALA D 26 -25.10 28.77 -6.77
C ALA D 26 -25.12 28.86 -5.25
N ILE D 27 -24.23 28.11 -4.60
CA ILE D 27 -24.10 28.15 -3.16
C ILE D 27 -23.58 29.53 -2.74
N SER D 28 -22.57 30.01 -3.44
CA SER D 28 -21.96 31.30 -3.14
C SER D 28 -22.96 32.45 -3.27
N ARG D 29 -23.76 32.45 -4.35
CA ARG D 29 -24.73 33.52 -4.56
C ARG D 29 -25.83 33.47 -3.51
N SER D 30 -26.35 32.27 -3.28
CA SER D 30 -27.49 32.06 -2.40
C SER D 30 -27.19 32.42 -0.96
N LEU D 31 -25.95 32.24 -0.55
CA LEU D 31 -25.58 32.41 0.84
C LEU D 31 -24.77 33.66 1.08
N ASP D 32 -24.35 34.31 -0.01
CA ASP D 32 -23.43 35.44 0.05
C ASP D 32 -22.16 35.00 0.75
N ALA D 33 -21.66 33.84 0.36
CA ALA D 33 -20.44 33.28 0.92
C ALA D 33 -19.33 33.34 -0.13
N PRO D 34 -18.08 33.55 0.33
CA PRO D 34 -16.96 33.57 -0.61
C PRO D 34 -16.87 32.24 -1.36
N LEU D 35 -16.71 32.31 -2.67
CA LEU D 35 -16.65 31.11 -3.52
C LEU D 35 -15.59 30.11 -3.08
N THR D 36 -14.41 30.62 -2.75
CA THR D 36 -13.29 29.79 -2.31
C THR D 36 -13.58 29.00 -1.03
N SER D 37 -14.59 29.43 -0.28
CA SER D 37 -14.94 28.74 0.97
C SER D 37 -15.93 27.60 0.70
N VAL D 38 -16.37 27.49 -0.55
CA VAL D 38 -17.35 26.47 -0.93
C VAL D 38 -16.63 25.21 -1.38
N ARG D 39 -16.99 24.09 -0.74
CA ARG D 39 -16.39 22.81 -1.08
C ARG D 39 -17.42 21.82 -1.60
N VAL D 40 -17.08 21.15 -2.71
CA VAL D 40 -17.97 20.17 -3.30
C VAL D 40 -17.26 18.84 -3.52
N ILE D 41 -17.89 17.76 -3.07
CA ILE D 41 -17.38 16.42 -3.33
C ILE D 41 -18.47 15.57 -3.97
N ILE D 42 -18.11 14.85 -5.03
CA ILE D 42 -19.06 14.04 -5.76
C ILE D 42 -18.89 12.56 -5.46
N THR D 43 -20.01 11.87 -5.23
CA THR D 43 -19.99 10.43 -5.07
C THR D 43 -20.88 9.79 -6.12
N GLU D 44 -20.32 8.84 -6.86
CA GLU D 44 -21.07 8.16 -7.92
C GLU D 44 -21.62 6.84 -7.41
N TYR D 45 -22.78 6.44 -7.93
CA TYR D 45 -23.39 5.19 -7.53
C TYR D 45 -23.75 4.32 -8.72
N ALA D 46 -23.31 3.07 -8.68
CA ALA D 46 -23.69 2.10 -9.70
C ALA D 46 -25.18 1.79 -9.60
N LYS D 47 -25.74 1.30 -10.71
CA LYS D 47 -27.18 1.09 -10.79
C LYS D 47 -27.69 0.18 -9.68
N GLY D 48 -26.88 -0.80 -9.29
CA GLY D 48 -27.29 -1.74 -8.26
C GLY D 48 -27.12 -1.18 -6.87
N HIS D 49 -26.71 0.08 -6.76
CA HIS D 49 -26.47 0.69 -5.44
C HIS D 49 -27.40 1.86 -5.14
N ALA D 50 -28.42 2.05 -5.98
CA ALA D 50 -29.35 3.16 -5.77
C ALA D 50 -30.79 2.68 -5.93
N GLY D 51 -31.62 2.97 -4.94
CA GLY D 51 -33.00 2.51 -4.95
C GLY D 51 -34.03 3.61 -4.84
N ILE D 52 -35.12 3.47 -5.60
CA ILE D 52 -36.26 4.38 -5.53
C ILE D 52 -37.56 3.61 -5.41
N GLY D 53 -37.95 3.27 -4.18
CA GLY D 53 -39.21 2.60 -3.93
C GLY D 53 -39.00 1.13 -3.70
N GLY D 54 -37.79 0.77 -3.26
CA GLY D 54 -37.46 -0.63 -3.06
C GLY D 54 -36.91 -1.26 -4.32
N GLU D 55 -36.91 -0.48 -5.40
CA GLU D 55 -36.46 -0.96 -6.70
C GLU D 55 -35.24 -0.17 -7.14
N LEU D 56 -34.36 -0.80 -7.91
CA LEU D 56 -33.12 -0.16 -8.33
C LEU D 56 -33.37 0.99 -9.27
N ALA D 57 -32.47 1.97 -9.22
CA ALA D 57 -32.57 3.16 -10.06
C ALA D 57 -31.51 3.16 -11.15
N PRO E 1 -9.23 17.87 3.07
CA PRO E 1 -9.87 16.72 3.72
C PRO E 1 -11.06 17.13 4.60
N ILE E 2 -12.12 16.35 4.57
CA ILE E 2 -13.33 16.66 5.32
C ILE E 2 -13.69 15.51 6.24
N ALA E 3 -13.83 15.79 7.53
CA ALA E 3 -14.19 14.78 8.50
C ALA E 3 -15.56 15.05 9.10
N GLN E 4 -16.47 14.08 8.94
CA GLN E 4 -17.76 14.14 9.62
C GLN E 4 -17.71 13.25 10.85
N ILE E 5 -17.90 13.84 12.01
CA ILE E 5 -17.85 13.07 13.25
C ILE E 5 -19.24 13.01 13.87
N HIS E 6 -19.77 11.80 13.96
CA HIS E 6 -21.09 11.58 14.52
C HIS E 6 -20.95 11.09 15.96
N ILE E 7 -21.51 11.85 16.90
CA ILE E 7 -21.39 11.50 18.31
C ILE E 7 -22.73 11.61 19.02
N LEU E 8 -22.84 10.94 20.16
CA LEU E 8 -24.02 11.08 20.99
C LEU E 8 -23.90 12.40 21.73
N GLU E 9 -25.02 13.11 21.90
CA GLU E 9 -25.01 14.38 22.61
C GLU E 9 -24.77 14.19 24.10
N GLY E 10 -24.43 15.26 24.78
CA GLY E 10 -24.23 15.23 26.21
C GLY E 10 -22.81 15.59 26.61
N ARG E 11 -21.93 15.72 25.62
CA ARG E 11 -20.54 16.06 25.89
C ARG E 11 -20.37 17.59 25.87
N SER E 12 -19.31 18.08 26.50
CA SER E 12 -19.14 19.52 26.69
C SER E 12 -18.61 20.26 25.45
N ASP E 13 -18.77 21.59 25.47
CA ASP E 13 -18.30 22.45 24.38
C ASP E 13 -16.80 22.40 24.13
N GLU E 14 -16.00 22.32 25.19
CA GLU E 14 -14.55 22.33 25.05
C GLU E 14 -14.05 21.03 24.45
N GLN E 15 -14.68 19.92 24.82
CA GLN E 15 -14.31 18.62 24.27
C GLN E 15 -14.48 18.63 22.75
N LYS E 16 -15.54 19.29 22.29
CA LYS E 16 -15.83 19.34 20.86
C LYS E 16 -14.89 20.29 20.14
N GLU E 17 -14.41 21.32 20.84
CA GLU E 17 -13.38 22.20 20.29
C GLU E 17 -12.04 21.48 20.21
N THR E 18 -11.73 20.69 21.23
CA THR E 18 -10.51 19.88 21.25
C THR E 18 -10.60 18.80 20.18
N LEU E 19 -11.79 18.22 20.04
CA LEU E 19 -12.06 17.21 19.00
C LEU E 19 -11.73 17.77 17.63
N ILE E 20 -12.21 18.97 17.37
CA ILE E 20 -11.97 19.63 16.09
C ILE E 20 -10.49 19.87 15.83
N ARG E 21 -9.76 20.40 16.80
CA ARG E 21 -8.34 20.66 16.59
C ARG E 21 -7.53 19.40 16.36
N GLU E 22 -7.63 18.45 17.28
CA GLU E 22 -6.80 17.24 17.23
C GLU E 22 -7.12 16.33 16.04
N VAL E 23 -8.38 16.22 15.68
CA VAL E 23 -8.74 15.44 14.48
C VAL E 23 -8.15 16.15 13.27
N SER E 24 -8.25 17.48 13.27
CA SER E 24 -7.69 18.29 12.20
C SER E 24 -6.18 18.10 12.16
N GLU E 25 -5.59 18.10 13.35
CA GLU E 25 -4.15 17.89 13.49
C GLU E 25 -3.70 16.50 13.04
N ALA E 26 -4.42 15.47 13.47
CA ALA E 26 -4.07 14.09 13.12
C ALA E 26 -4.14 13.83 11.62
N ILE E 27 -5.16 14.39 10.98
CA ILE E 27 -5.35 14.28 9.53
C ILE E 27 -4.21 14.95 8.78
N SER E 28 -3.84 16.15 9.22
CA SER E 28 -2.77 16.89 8.58
C SER E 28 -1.47 16.09 8.66
N ARG E 29 -1.22 15.47 9.79
CA ARG E 29 0.00 14.66 9.93
C ARG E 29 0.02 13.43 9.08
N SER E 30 -1.08 12.69 9.12
CA SER E 30 -1.19 11.41 8.46
C SER E 30 -1.10 11.56 6.94
N LEU E 31 -1.55 12.70 6.44
CA LEU E 31 -1.66 12.92 5.00
C LEU E 31 -0.63 13.95 4.53
N ASP E 32 0.00 14.63 5.48
CA ASP E 32 0.93 15.74 5.25
C ASP E 32 0.25 16.81 4.41
N ALA E 33 -0.98 17.17 4.80
CA ALA E 33 -1.73 18.22 4.14
C ALA E 33 -1.83 19.41 5.10
N PRO E 34 -1.84 20.63 4.56
CA PRO E 34 -1.94 21.82 5.41
C PRO E 34 -3.21 21.83 6.25
N LEU E 35 -3.07 22.21 7.52
CA LEU E 35 -4.19 22.25 8.45
C LEU E 35 -5.36 23.04 7.87
N THR E 36 -5.04 24.13 7.19
CA THR E 36 -6.05 25.00 6.59
C THR E 36 -6.94 24.27 5.58
N SER E 37 -6.46 23.14 5.07
CA SER E 37 -7.26 22.37 4.11
C SER E 37 -8.17 21.37 4.81
N VAL E 38 -7.99 21.23 6.12
CA VAL E 38 -8.77 20.28 6.91
C VAL E 38 -10.02 20.91 7.54
N ARG E 39 -11.17 20.33 7.25
CA ARG E 39 -12.42 20.76 7.86
C ARG E 39 -13.08 19.64 8.66
N VAL E 40 -13.58 20.00 9.84
CA VAL E 40 -14.24 19.04 10.70
C VAL E 40 -15.62 19.56 11.03
N ILE E 41 -16.63 18.71 10.85
CA ILE E 41 -17.98 19.05 11.24
C ILE E 41 -18.54 17.98 12.16
N ILE E 42 -19.16 18.42 13.24
CA ILE E 42 -19.67 17.52 14.27
C ILE E 42 -21.19 17.42 14.20
N THR E 43 -21.71 16.20 14.28
CA THR E 43 -23.16 16.02 14.38
C THR E 43 -23.48 15.25 15.66
N GLU E 44 -24.36 15.82 16.48
CA GLU E 44 -24.74 15.19 17.74
C GLU E 44 -26.05 14.43 17.57
N TYR E 45 -26.21 13.35 18.33
CA TYR E 45 -27.45 12.59 18.24
C TYR E 45 -28.09 12.35 19.59
N ALA E 46 -29.36 12.71 19.71
CA ALA E 46 -30.14 12.41 20.91
C ALA E 46 -30.32 10.90 21.02
N LYS E 47 -30.61 10.42 22.22
CA LYS E 47 -30.67 9.00 22.51
C LYS E 47 -31.66 8.24 21.60
N GLY E 48 -32.73 8.92 21.23
CA GLY E 48 -33.74 8.31 20.37
C GLY E 48 -33.37 8.30 18.90
N HIS E 49 -32.18 8.79 18.58
CA HIS E 49 -31.76 8.89 17.19
C HIS E 49 -30.56 7.99 16.90
N ALA E 50 -30.24 7.10 17.83
CA ALA E 50 -29.07 6.22 17.69
C ALA E 50 -29.35 4.77 18.06
N GLY E 51 -28.97 3.86 17.15
CA GLY E 51 -29.18 2.42 17.31
C GLY E 51 -27.89 1.61 17.22
N ILE E 52 -27.80 0.53 18.00
CA ILE E 52 -26.65 -0.39 17.92
C ILE E 52 -27.04 -1.85 17.73
N GLY E 53 -28.19 -2.24 18.29
CA GLY E 53 -28.70 -3.58 18.13
C GLY E 53 -30.18 -3.55 17.82
N GLY E 54 -30.63 -2.46 17.22
CA GLY E 54 -32.05 -2.28 16.97
C GLY E 54 -32.63 -1.58 18.17
N GLU E 55 -31.77 -1.33 19.15
CA GLU E 55 -32.16 -0.74 20.42
C GLU E 55 -31.48 0.62 20.61
N LEU E 56 -32.15 1.53 21.31
CA LEU E 56 -31.67 2.89 21.54
C LEU E 56 -30.47 3.06 22.47
N ALA E 57 -29.74 4.16 22.26
CA ALA E 57 -28.62 4.55 23.12
C ALA E 57 -28.40 6.06 23.00
N PRO F 1 -18.93 6.60 18.77
CA PRO F 1 -18.70 7.70 17.83
C PRO F 1 -18.25 7.22 16.45
N ILE F 2 -18.75 7.88 15.41
CA ILE F 2 -18.47 7.46 14.04
C ILE F 2 -17.89 8.60 13.21
N ALA F 3 -16.74 8.35 12.60
CA ALA F 3 -16.09 9.36 11.77
C ALA F 3 -16.03 8.95 10.31
N GLN F 4 -16.61 9.77 9.44
CA GLN F 4 -16.44 9.59 8.01
C GLN F 4 -15.40 10.59 7.54
N ILE F 5 -14.31 10.10 6.98
CA ILE F 5 -13.23 10.97 6.55
C ILE F 5 -13.14 11.01 5.03
N HIS F 6 -13.34 12.19 4.48
CA HIS F 6 -13.29 12.39 3.04
C HIS F 6 -11.93 12.95 2.64
N ILE F 7 -11.20 12.18 1.83
CA ILE F 7 -9.87 12.58 1.41
C ILE F 7 -9.69 12.36 -0.09
N LEU F 8 -8.72 13.03 -0.68
CA LEU F 8 -8.40 12.79 -2.07
C LEU F 8 -7.65 11.48 -2.18
N GLU F 9 -7.93 10.72 -3.24
CA GLU F 9 -7.28 9.44 -3.45
C GLU F 9 -5.81 9.62 -3.81
N GLY F 10 -5.05 8.53 -3.73
CA GLY F 10 -3.65 8.57 -4.08
C GLY F 10 -2.72 8.22 -2.93
N ARG F 11 -3.29 7.99 -1.75
CA ARG F 11 -2.47 7.66 -0.60
C ARG F 11 -2.31 6.14 -0.53
N SER F 12 -1.27 5.68 0.14
CA SER F 12 -0.99 4.25 0.23
C SER F 12 -1.85 3.60 1.32
N ASP F 13 -1.93 2.27 1.32
CA ASP F 13 -2.68 1.56 2.36
C ASP F 13 -2.12 1.89 3.74
N GLU F 14 -0.80 2.01 3.81
CA GLU F 14 -0.10 2.29 5.08
C GLU F 14 -0.39 3.69 5.59
N GLN F 15 -0.42 4.65 4.68
CA GLN F 15 -0.74 6.02 5.03
C GLN F 15 -2.17 6.12 5.56
N LYS F 16 -3.09 5.39 4.93
CA LYS F 16 -4.50 5.44 5.32
C LYS F 16 -4.79 4.65 6.60
N GLU F 17 -4.03 3.58 6.85
CA GLU F 17 -4.15 2.85 8.11
C GLU F 17 -3.61 3.71 9.26
N THR F 18 -2.55 4.47 9.00
CA THR F 18 -2.03 5.40 9.98
C THR F 18 -3.08 6.48 10.24
N LEU F 19 -3.74 6.93 9.19
CA LEU F 19 -4.83 7.91 9.29
C LEU F 19 -5.92 7.41 10.23
N ILE F 20 -6.32 6.17 10.05
CA ILE F 20 -7.38 5.56 10.87
C ILE F 20 -7.01 5.50 12.35
N ARG F 21 -5.79 5.05 12.64
CA ARG F 21 -5.34 4.96 14.02
C ARG F 21 -5.27 6.32 14.71
N GLU F 22 -4.59 7.26 14.08
CA GLU F 22 -4.34 8.55 14.71
C GLU F 22 -5.62 9.35 14.92
N VAL F 23 -6.53 9.30 13.93
CA VAL F 23 -7.82 9.97 14.04
C VAL F 23 -8.68 9.34 15.14
N SER F 24 -8.65 8.00 15.22
CA SER F 24 -9.40 7.29 16.23
C SER F 24 -8.91 7.66 17.62
N GLU F 25 -7.59 7.73 17.77
CA GLU F 25 -6.99 8.15 19.03
C GLU F 25 -7.34 9.62 19.29
N ALA F 26 -7.31 10.44 18.25
CA ALA F 26 -7.67 11.85 18.39
C ALA F 26 -9.12 11.99 18.86
N ILE F 27 -10.00 11.15 18.33
CA ILE F 27 -11.41 11.15 18.75
C ILE F 27 -11.53 10.70 20.21
N SER F 28 -10.86 9.60 20.54
CA SER F 28 -10.89 9.01 21.86
C SER F 28 -10.37 9.95 22.95
N ARG F 29 -9.27 10.62 22.66
CA ARG F 29 -8.63 11.52 23.62
C ARG F 29 -9.51 12.72 23.93
N SER F 30 -10.06 13.30 22.88
CA SER F 30 -10.84 14.53 22.98
C SER F 30 -12.11 14.35 23.79
N LEU F 31 -12.67 13.14 23.73
CA LEU F 31 -13.99 12.88 24.30
C LEU F 31 -14.02 12.06 25.57
N ASP F 32 -12.89 11.47 25.94
CA ASP F 32 -12.83 10.49 27.03
C ASP F 32 -13.76 9.32 26.72
N ALA F 33 -13.70 8.86 25.47
CA ALA F 33 -14.50 7.74 25.02
C ALA F 33 -13.58 6.56 24.77
N PRO F 34 -14.07 5.34 25.03
CA PRO F 34 -13.24 4.14 24.79
C PRO F 34 -12.80 4.05 23.34
N LEU F 35 -11.52 3.80 23.12
CA LEU F 35 -10.96 3.68 21.77
C LEU F 35 -11.70 2.63 20.95
N THR F 36 -12.02 1.52 21.61
CA THR F 36 -12.72 0.41 20.98
C THR F 36 -14.11 0.81 20.45
N SER F 37 -14.65 1.90 20.97
CA SER F 37 -15.97 2.38 20.57
C SER F 37 -15.89 3.30 19.36
N VAL F 38 -14.67 3.62 18.95
CA VAL F 38 -14.46 4.57 17.85
C VAL F 38 -14.45 3.86 16.50
N ARG F 39 -15.32 4.30 15.60
CA ARG F 39 -15.35 3.75 14.25
C ARG F 39 -15.01 4.80 13.20
N VAL F 40 -14.15 4.41 12.28
CA VAL F 40 -13.72 5.29 11.20
C VAL F 40 -13.91 4.61 9.85
N ILE F 41 -14.52 5.33 8.92
CA ILE F 41 -14.65 4.85 7.55
C ILE F 41 -14.08 5.90 6.61
N ILE F 42 -13.28 5.44 5.66
CA ILE F 42 -12.62 6.36 4.73
C ILE F 42 -13.30 6.35 3.38
N THR F 43 -13.54 7.54 2.84
CA THR F 43 -14.06 7.69 1.49
C THR F 43 -13.08 8.50 0.68
N GLU F 44 -12.65 7.94 -0.46
CA GLU F 44 -11.71 8.60 -1.33
C GLU F 44 -12.41 9.31 -2.49
N TYR F 45 -11.81 10.39 -2.97
CA TYR F 45 -12.38 11.13 -4.08
C TYR F 45 -11.35 11.36 -5.17
N ALA F 46 -11.67 10.95 -6.39
CA ALA F 46 -10.81 11.25 -7.53
C ALA F 46 -10.82 12.76 -7.72
N LYS F 47 -9.78 13.28 -8.36
CA LYS F 47 -9.58 14.72 -8.48
C LYS F 47 -10.75 15.40 -9.18
N GLY F 48 -11.38 14.69 -10.12
CA GLY F 48 -12.49 15.24 -10.87
C GLY F 48 -13.78 15.21 -10.07
N HIS F 49 -13.68 14.76 -8.82
CA HIS F 49 -14.84 14.66 -7.95
C HIS F 49 -14.72 15.57 -6.73
N ALA F 50 -13.74 16.47 -6.75
CA ALA F 50 -13.53 17.37 -5.62
C ALA F 50 -13.30 18.81 -6.07
N GLY F 51 -14.06 19.73 -5.50
CA GLY F 51 -13.96 21.13 -5.88
C GLY F 51 -13.67 22.09 -4.74
N ILE F 52 -12.84 23.09 -5.03
CA ILE F 52 -12.56 24.18 -4.09
C ILE F 52 -12.70 25.53 -4.76
N GLY F 53 -13.93 26.05 -4.76
CA GLY F 53 -14.17 27.36 -5.32
C GLY F 53 -14.76 27.24 -6.71
N GLY F 54 -15.40 26.11 -6.98
CA GLY F 54 -15.94 25.85 -8.29
C GLY F 54 -14.90 25.20 -9.18
N GLU F 55 -13.70 25.04 -8.66
CA GLU F 55 -12.59 24.53 -9.45
C GLU F 55 -12.07 23.22 -8.86
N LEU F 56 -11.56 22.35 -9.72
CA LEU F 56 -11.06 21.05 -9.27
C LEU F 56 -9.79 21.21 -8.44
N ALA F 57 -9.59 20.31 -7.50
CA ALA F 57 -8.42 20.36 -6.63
C ALA F 57 -7.16 19.94 -7.38
N PRO G 1 2.89 -20.06 -14.80
CA PRO G 1 1.75 -19.78 -15.67
C PRO G 1 0.91 -18.61 -15.17
N ILE G 2 0.42 -17.78 -16.09
CA ILE G 2 -0.34 -16.59 -15.73
C ILE G 2 -1.70 -16.60 -16.41
N ALA G 3 -2.75 -16.50 -15.62
CA ALA G 3 -4.11 -16.46 -16.17
C ALA G 3 -4.80 -15.12 -15.90
N GLN G 4 -5.21 -14.45 -16.98
CA GLN G 4 -6.05 -13.27 -16.86
C GLN G 4 -7.49 -13.65 -17.14
N ILE G 5 -8.36 -13.46 -16.16
CA ILE G 5 -9.76 -13.83 -16.34
C ILE G 5 -10.66 -12.61 -16.35
N HIS G 6 -11.34 -12.41 -17.48
CA HIS G 6 -12.25 -11.29 -17.65
C HIS G 6 -13.70 -11.72 -17.46
N ILE G 7 -14.36 -11.13 -16.46
CA ILE G 7 -15.73 -11.48 -16.13
C ILE G 7 -16.59 -10.24 -15.92
N LEU G 8 -17.91 -10.41 -16.00
CA LEU G 8 -18.85 -9.34 -15.72
C LEU G 8 -18.95 -9.11 -14.21
N GLU G 9 -19.11 -7.86 -13.80
CA GLU G 9 -19.20 -7.53 -12.38
C GLU G 9 -20.50 -8.05 -11.76
N GLY G 10 -20.54 -8.09 -10.43
CA GLY G 10 -21.74 -8.47 -9.71
C GLY G 10 -21.64 -9.69 -8.81
N ARG G 11 -20.52 -10.41 -8.87
CA ARG G 11 -20.34 -11.56 -7.99
C ARG G 11 -19.67 -11.22 -6.67
N SER G 12 -19.89 -12.10 -5.69
CA SER G 12 -19.37 -11.91 -4.34
C SER G 12 -17.90 -12.28 -4.29
N ASP G 13 -17.22 -11.84 -3.24
CA ASP G 13 -15.80 -12.17 -3.05
C ASP G 13 -15.58 -13.67 -2.95
N GLU G 14 -16.51 -14.38 -2.32
CA GLU G 14 -16.36 -15.82 -2.13
C GLU G 14 -16.42 -16.57 -3.45
N GLN G 15 -17.32 -16.14 -4.32
CA GLN G 15 -17.45 -16.75 -5.64
C GLN G 15 -16.19 -16.53 -6.47
N LYS G 16 -15.64 -15.32 -6.40
CA LYS G 16 -14.46 -14.97 -7.17
C LYS G 16 -13.23 -15.63 -6.57
N GLU G 17 -13.27 -15.88 -5.27
CA GLU G 17 -12.21 -16.66 -4.61
C GLU G 17 -12.26 -18.11 -5.07
N THR G 18 -13.46 -18.65 -5.22
CA THR G 18 -13.63 -20.01 -5.72
C THR G 18 -13.13 -20.10 -7.16
N LEU G 19 -13.46 -19.07 -7.95
CA LEU G 19 -12.99 -18.99 -9.34
C LEU G 19 -11.47 -19.04 -9.43
N ILE G 20 -10.81 -18.21 -8.63
CA ILE G 20 -9.35 -18.14 -8.61
C ILE G 20 -8.73 -19.47 -8.20
N ARG G 21 -9.26 -20.07 -7.14
CA ARG G 21 -8.78 -21.33 -6.61
C ARG G 21 -8.94 -22.47 -7.63
N GLU G 22 -10.14 -22.62 -8.17
CA GLU G 22 -10.43 -23.73 -9.06
C GLU G 22 -9.61 -23.66 -10.35
N VAL G 23 -9.47 -22.44 -10.88
CA VAL G 23 -8.68 -22.20 -12.08
C VAL G 23 -7.20 -22.51 -11.84
N SER G 24 -6.70 -22.09 -10.68
CA SER G 24 -5.31 -22.33 -10.31
C SER G 24 -5.05 -23.82 -10.24
N GLU G 25 -6.00 -24.54 -9.64
CA GLU G 25 -5.92 -25.99 -9.52
C GLU G 25 -5.95 -26.65 -10.89
N ALA G 26 -6.86 -26.19 -11.74
CA ALA G 26 -7.01 -26.73 -13.08
C ALA G 26 -5.73 -26.53 -13.90
N ILE G 27 -5.12 -25.37 -13.76
CA ILE G 27 -3.87 -25.06 -14.45
C ILE G 27 -2.74 -25.93 -13.95
N SER G 28 -2.61 -26.02 -12.62
CA SER G 28 -1.58 -26.81 -11.99
C SER G 28 -1.70 -28.28 -12.37
N ARG G 29 -2.93 -28.77 -12.35
CA ARG G 29 -3.23 -30.16 -12.67
C ARG G 29 -3.00 -30.45 -14.15
N SER G 30 -3.49 -29.57 -15.02
CA SER G 30 -3.39 -29.78 -16.46
C SER G 30 -1.96 -29.74 -17.00
N LEU G 31 -1.10 -28.96 -16.34
CA LEU G 31 0.25 -28.71 -16.87
C LEU G 31 1.33 -29.43 -16.09
N ASP G 32 0.96 -30.03 -14.96
CA ASP G 32 1.92 -30.64 -14.03
C ASP G 32 2.92 -29.58 -13.56
N ALA G 33 2.39 -28.42 -13.20
CA ALA G 33 3.21 -27.32 -12.70
C ALA G 33 2.94 -27.13 -11.22
N PRO G 34 3.98 -26.73 -10.46
CA PRO G 34 3.76 -26.47 -9.03
C PRO G 34 2.71 -25.37 -8.88
N LEU G 35 1.75 -25.59 -8.00
CA LEU G 35 0.65 -24.64 -7.80
C LEU G 35 1.17 -23.24 -7.48
N THR G 36 2.23 -23.17 -6.68
CA THR G 36 2.84 -21.91 -6.30
C THR G 36 3.31 -21.08 -7.49
N SER G 37 3.52 -21.74 -8.64
CA SER G 37 3.99 -21.04 -9.83
C SER G 37 2.83 -20.48 -10.64
N VAL G 38 1.60 -20.81 -10.24
CA VAL G 38 0.42 -20.37 -10.95
C VAL G 38 -0.14 -19.06 -10.40
N ARG G 39 -0.25 -18.07 -11.27
CA ARG G 39 -0.86 -16.80 -10.86
C ARG G 39 -2.11 -16.48 -11.68
N VAL G 40 -3.15 -16.06 -10.97
CA VAL G 40 -4.42 -15.72 -11.60
C VAL G 40 -4.83 -14.32 -11.16
N ILE G 41 -5.21 -13.49 -12.12
CA ILE G 41 -5.72 -12.16 -11.83
C ILE G 41 -7.08 -11.92 -12.47
N ILE G 42 -7.99 -11.33 -11.70
CA ILE G 42 -9.35 -11.08 -12.16
C ILE G 42 -9.57 -9.63 -12.54
N THR G 43 -10.21 -9.41 -13.68
CA THR G 43 -10.63 -8.07 -14.05
C THR G 43 -12.15 -8.10 -14.26
N GLU G 44 -12.86 -7.21 -13.58
CA GLU G 44 -14.31 -7.14 -13.70
C GLU G 44 -14.72 -6.07 -14.70
N TYR G 45 -15.85 -6.29 -15.36
CA TYR G 45 -16.35 -5.33 -16.33
C TYR G 45 -17.81 -4.97 -16.13
N ALA G 46 -18.07 -3.67 -15.99
CA ALA G 46 -19.43 -3.17 -15.92
C ALA G 46 -20.09 -3.42 -17.27
N LYS G 47 -21.43 -3.44 -17.28
CA LYS G 47 -22.17 -3.80 -18.49
C LYS G 47 -21.85 -2.92 -19.70
N GLY G 48 -21.55 -1.65 -19.43
CA GLY G 48 -21.22 -0.71 -20.50
C GLY G 48 -19.79 -0.84 -20.99
N HIS G 49 -19.07 -1.81 -20.44
CA HIS G 49 -17.67 -2.01 -20.82
C HIS G 49 -17.46 -3.38 -21.47
N ALA G 50 -18.57 -4.06 -21.76
CA ALA G 50 -18.51 -5.39 -22.39
C ALA G 50 -19.55 -5.52 -23.49
N GLY G 51 -19.10 -5.90 -24.69
CA GLY G 51 -19.99 -6.03 -25.84
C GLY G 51 -19.96 -7.36 -26.55
N ILE G 52 -21.13 -7.82 -26.99
CA ILE G 52 -21.23 -9.01 -27.84
C ILE G 52 -22.12 -8.71 -29.03
N GLY G 53 -21.51 -8.23 -30.11
CA GLY G 53 -22.24 -7.97 -31.33
C GLY G 53 -22.51 -6.48 -31.44
N GLY G 54 -21.68 -5.71 -30.76
CA GLY G 54 -21.83 -4.27 -30.72
C GLY G 54 -22.75 -3.85 -29.60
N GLU G 55 -23.37 -4.82 -28.94
CA GLU G 55 -24.36 -4.49 -27.92
C GLU G 55 -23.91 -5.02 -26.57
N LEU G 56 -24.34 -4.33 -25.51
CA LEU G 56 -23.89 -4.60 -24.15
C LEU G 56 -24.30 -5.95 -23.56
N ALA G 57 -23.44 -6.46 -22.67
CA ALA G 57 -23.63 -7.73 -21.97
C ALA G 57 -24.07 -8.87 -22.89
N PRO H 1 -17.49 -14.73 -20.29
CA PRO H 1 -16.20 -14.71 -19.58
C PRO H 1 -15.03 -15.14 -20.47
N ILE H 2 -13.90 -14.45 -20.33
CA ILE H 2 -12.71 -14.69 -21.16
C ILE H 2 -11.45 -14.94 -20.32
N ALA H 3 -10.78 -16.05 -20.59
CA ALA H 3 -9.53 -16.36 -19.89
C ALA H 3 -8.34 -16.33 -20.85
N GLN H 4 -7.37 -15.46 -20.57
CA GLN H 4 -6.12 -15.47 -21.31
C GLN H 4 -5.05 -16.17 -20.48
N ILE H 5 -4.50 -17.27 -21.00
CA ILE H 5 -3.53 -18.05 -20.26
C ILE H 5 -2.13 -17.99 -20.86
N HIS H 6 -1.18 -17.46 -20.09
CA HIS H 6 0.20 -17.33 -20.52
C HIS H 6 1.07 -18.45 -19.96
N ILE H 7 1.68 -19.23 -20.85
CA ILE H 7 2.52 -20.35 -20.44
C ILE H 7 3.83 -20.38 -21.21
N LEU H 8 4.82 -21.08 -20.67
CA LEU H 8 6.09 -21.26 -21.37
C LEU H 8 5.88 -22.29 -22.47
N GLU H 9 6.52 -22.09 -23.62
CA GLU H 9 6.38 -23.04 -24.71
C GLU H 9 7.10 -24.34 -24.38
N GLY H 10 6.77 -25.39 -25.13
CA GLY H 10 7.41 -26.67 -24.96
C GLY H 10 6.46 -27.77 -24.54
N ARG H 11 5.22 -27.40 -24.22
CA ARG H 11 4.22 -28.39 -23.84
C ARG H 11 3.45 -28.91 -25.06
N SER H 12 2.87 -30.10 -24.92
CA SER H 12 2.23 -30.79 -26.03
C SER H 12 0.82 -30.27 -26.33
N ASP H 13 0.33 -30.59 -27.52
CA ASP H 13 -1.00 -30.17 -27.96
C ASP H 13 -2.14 -30.68 -27.09
N GLU H 14 -2.05 -31.94 -26.66
CA GLU H 14 -3.11 -32.55 -25.88
C GLU H 14 -3.14 -31.94 -24.48
N GLN H 15 -1.95 -31.65 -23.95
CA GLN H 15 -1.80 -31.00 -22.66
C GLN H 15 -2.46 -29.62 -22.65
N LYS H 16 -2.29 -28.88 -23.76
CA LYS H 16 -2.84 -27.53 -23.85
C LYS H 16 -4.35 -27.51 -24.08
N GLU H 17 -4.88 -28.52 -24.76
CA GLU H 17 -6.33 -28.64 -24.91
C GLU H 17 -6.98 -28.98 -23.58
N THR H 18 -6.30 -29.84 -22.82
CA THR H 18 -6.76 -30.22 -21.50
C THR H 18 -6.81 -28.98 -20.62
N LEU H 19 -5.81 -28.12 -20.77
CA LEU H 19 -5.78 -26.85 -20.08
C LEU H 19 -7.03 -26.04 -20.43
N ILE H 20 -7.34 -25.96 -21.72
CA ILE H 20 -8.50 -25.20 -22.20
C ILE H 20 -9.84 -25.74 -21.69
N ARG H 21 -10.06 -27.05 -21.78
CA ARG H 21 -11.30 -27.64 -21.28
C ARG H 21 -11.43 -27.48 -19.77
N GLU H 22 -10.39 -27.85 -19.03
CA GLU H 22 -10.43 -27.84 -17.57
C GLU H 22 -10.59 -26.44 -17.00
N VAL H 23 -9.91 -25.46 -17.60
CA VAL H 23 -10.06 -24.08 -17.17
C VAL H 23 -11.49 -23.60 -17.44
N SER H 24 -12.04 -23.97 -18.61
CA SER H 24 -13.39 -23.57 -18.98
C SER H 24 -14.42 -24.15 -18.00
N GLU H 25 -14.23 -25.41 -17.62
CA GLU H 25 -15.11 -26.06 -16.66
C GLU H 25 -15.02 -25.39 -15.29
N ALA H 26 -13.79 -25.12 -14.85
CA ALA H 26 -13.56 -24.48 -13.56
C ALA H 26 -14.23 -23.11 -13.52
N ILE H 27 -14.13 -22.39 -14.64
CA ILE H 27 -14.77 -21.08 -14.77
C ILE H 27 -16.29 -21.26 -14.73
N SER H 28 -16.79 -22.25 -15.47
CA SER H 28 -18.22 -22.52 -15.55
C SER H 28 -18.83 -22.88 -14.19
N ARG H 29 -18.16 -23.75 -13.43
CA ARG H 29 -18.69 -24.15 -12.13
C ARG H 29 -18.67 -23.00 -11.14
N SER H 30 -17.53 -22.31 -11.11
CA SER H 30 -17.28 -21.27 -10.12
C SER H 30 -18.26 -20.13 -10.26
N LEU H 31 -18.70 -19.86 -11.49
CA LEU H 31 -19.53 -18.70 -11.76
C LEU H 31 -20.98 -19.10 -12.02
N ASP H 32 -21.20 -20.40 -12.18
CA ASP H 32 -22.50 -20.94 -12.62
C ASP H 32 -22.85 -20.30 -13.95
N ALA H 33 -21.87 -20.26 -14.85
CA ALA H 33 -22.09 -19.69 -16.18
C ALA H 33 -22.09 -20.82 -17.18
N PRO H 34 -22.88 -20.67 -18.26
CA PRO H 34 -22.92 -21.70 -19.29
C PRO H 34 -21.54 -21.92 -19.88
N LEU H 35 -21.13 -23.18 -19.99
CA LEU H 35 -19.82 -23.55 -20.50
C LEU H 35 -19.54 -22.92 -21.85
N THR H 36 -20.56 -22.91 -22.71
CA THR H 36 -20.46 -22.36 -24.05
C THR H 36 -20.09 -20.88 -24.09
N SER H 37 -20.31 -20.17 -22.99
CA SER H 37 -20.00 -18.74 -22.95
C SER H 37 -18.56 -18.51 -22.51
N VAL H 38 -17.88 -19.58 -22.14
CA VAL H 38 -16.51 -19.49 -21.66
C VAL H 38 -15.52 -19.63 -22.81
N ARG H 39 -14.68 -18.62 -22.98
CA ARG H 39 -13.65 -18.64 -24.00
C ARG H 39 -12.24 -18.56 -23.43
N VAL H 40 -11.36 -19.41 -23.96
CA VAL H 40 -9.97 -19.48 -23.50
C VAL H 40 -9.00 -19.33 -24.66
N ILE H 41 -8.00 -18.47 -24.47
CA ILE H 41 -6.94 -18.31 -25.44
C ILE H 41 -5.57 -18.51 -24.79
N ILE H 42 -4.72 -19.29 -25.43
CA ILE H 42 -3.40 -19.59 -24.89
C ILE H 42 -2.30 -18.82 -25.63
N THR H 43 -1.38 -18.23 -24.88
CA THR H 43 -0.21 -17.59 -25.46
C THR H 43 1.07 -18.21 -24.90
N GLU H 44 1.95 -18.68 -25.78
CA GLU H 44 3.20 -19.30 -25.38
C GLU H 44 4.38 -18.33 -25.44
N TYR H 45 5.38 -18.55 -24.59
CA TYR H 45 6.55 -17.68 -24.58
C TYR H 45 7.86 -18.48 -24.68
N ALA H 46 8.67 -18.10 -25.67
CA ALA H 46 10.01 -18.66 -25.91
C ALA H 46 11.00 -18.37 -24.77
N LYS H 47 12.11 -19.11 -24.72
CA LYS H 47 13.06 -19.04 -23.61
C LYS H 47 13.57 -17.61 -23.35
N GLY H 48 13.74 -16.84 -24.41
CA GLY H 48 14.20 -15.47 -24.29
C GLY H 48 13.15 -14.41 -23.99
N HIS H 49 11.89 -14.83 -23.83
CA HIS H 49 10.80 -13.86 -23.68
C HIS H 49 10.10 -13.90 -22.33
N ALA H 50 10.65 -14.62 -21.37
CA ALA H 50 10.02 -14.74 -20.06
C ALA H 50 11.03 -14.55 -18.93
N GLY H 51 10.71 -13.65 -17.99
CA GLY H 51 11.62 -13.35 -16.91
C GLY H 51 11.03 -13.54 -15.51
N ILE H 52 11.86 -14.06 -14.60
CA ILE H 52 11.50 -14.19 -13.20
C ILE H 52 12.60 -13.62 -12.31
N GLY H 53 12.52 -12.32 -12.04
CA GLY H 53 13.46 -11.68 -11.14
C GLY H 53 14.50 -10.91 -11.93
N GLY H 54 14.12 -10.52 -13.15
CA GLY H 54 15.04 -9.82 -14.03
C GLY H 54 15.86 -10.81 -14.83
N GLU H 55 15.67 -12.09 -14.54
CA GLU H 55 16.46 -13.13 -15.15
C GLU H 55 15.56 -14.08 -15.93
N LEU H 56 16.09 -14.68 -17.00
CA LEU H 56 15.27 -15.58 -17.82
C LEU H 56 14.93 -16.86 -17.06
N ALA H 57 13.74 -17.40 -17.35
CA ALA H 57 13.29 -18.63 -16.73
C ALA H 57 13.99 -19.85 -17.32
N PRO I 1 4.22 -8.79 -9.08
CA PRO I 1 3.92 -7.87 -10.17
C PRO I 1 4.21 -8.49 -11.54
N ILE I 2 3.34 -8.22 -12.51
CA ILE I 2 3.47 -8.80 -13.84
C ILE I 2 3.49 -7.72 -14.91
N ALA I 3 4.53 -7.72 -15.74
CA ALA I 3 4.66 -6.75 -16.82
C ALA I 3 4.58 -7.41 -18.18
N GLN I 4 3.62 -6.98 -18.99
CA GLN I 4 3.56 -7.40 -20.39
C GLN I 4 4.15 -6.30 -21.26
N ILE I 5 5.22 -6.63 -21.98
CA ILE I 5 5.85 -5.63 -22.83
C ILE I 5 5.67 -6.01 -24.29
N HIS I 6 4.98 -5.13 -25.01
CA HIS I 6 4.69 -5.34 -26.42
C HIS I 6 5.68 -4.55 -27.27
N ILE I 7 6.46 -5.25 -28.09
CA ILE I 7 7.48 -4.61 -28.90
C ILE I 7 7.47 -5.10 -30.34
N LEU I 8 8.09 -4.32 -31.21
CA LEU I 8 8.25 -4.70 -32.61
C LEU I 8 9.33 -5.76 -32.74
N GLU I 9 9.15 -6.65 -33.70
CA GLU I 9 10.10 -7.72 -33.96
C GLU I 9 11.41 -7.15 -34.52
N GLY I 10 12.48 -7.93 -34.43
CA GLY I 10 13.74 -7.58 -35.06
C GLY I 10 14.98 -7.25 -34.23
N ARG I 11 14.81 -7.08 -32.92
CA ARG I 11 15.96 -6.76 -32.07
C ARG I 11 16.57 -8.02 -31.49
N SER I 12 17.81 -7.92 -31.03
CA SER I 12 18.57 -9.08 -30.60
C SER I 12 18.14 -9.61 -29.23
N ASP I 13 18.56 -10.85 -28.95
CA ASP I 13 18.28 -11.52 -27.70
C ASP I 13 18.84 -10.75 -26.51
N GLU I 14 19.99 -10.12 -26.69
CA GLU I 14 20.64 -9.41 -25.60
C GLU I 14 19.86 -8.17 -25.17
N GLN I 15 19.32 -7.44 -26.14
CA GLN I 15 18.48 -6.29 -25.84
C GLN I 15 17.21 -6.69 -25.10
N LYS I 16 16.62 -7.79 -25.51
CA LYS I 16 15.38 -8.25 -24.89
C LYS I 16 15.66 -8.83 -23.52
N GLU I 17 16.85 -9.42 -23.36
CA GLU I 17 17.30 -9.87 -22.05
C GLU I 17 17.62 -8.67 -21.16
N THR I 18 18.23 -7.64 -21.75
CA THR I 18 18.49 -6.41 -21.04
C THR I 18 17.18 -5.73 -20.65
N LEU I 19 16.23 -5.76 -21.58
CA LEU I 19 14.90 -5.21 -21.34
C LEU I 19 14.24 -5.84 -20.12
N ILE I 20 14.26 -7.17 -20.05
CA ILE I 20 13.67 -7.89 -18.93
C ILE I 20 14.33 -7.52 -17.61
N ARG I 21 15.66 -7.51 -17.60
CA ARG I 21 16.43 -7.21 -16.40
C ARG I 21 16.21 -5.77 -15.90
N GLU I 22 16.38 -4.78 -16.76
CA GLU I 22 16.22 -3.39 -16.32
C GLU I 22 14.79 -3.03 -15.94
N VAL I 23 13.81 -3.53 -16.69
CA VAL I 23 12.41 -3.28 -16.37
C VAL I 23 12.04 -3.87 -15.02
N SER I 24 12.52 -5.09 -14.74
CA SER I 24 12.24 -5.76 -13.48
C SER I 24 12.78 -5.01 -12.28
N GLU I 25 14.02 -4.51 -12.39
CA GLU I 25 14.63 -3.72 -11.32
C GLU I 25 13.86 -2.44 -11.10
N ALA I 26 13.48 -1.80 -12.19
CA ALA I 26 12.73 -0.55 -12.15
C ALA I 26 11.41 -0.78 -11.41
N ILE I 27 10.78 -1.91 -11.68
CA ILE I 27 9.56 -2.28 -10.98
C ILE I 27 9.86 -2.54 -9.52
N SER I 28 10.93 -3.28 -9.27
CA SER I 28 11.33 -3.62 -7.90
C SER I 28 11.66 -2.40 -7.05
N ARG I 29 12.44 -1.47 -7.59
CA ARG I 29 12.83 -0.28 -6.82
C ARG I 29 11.65 0.64 -6.59
N SER I 30 10.88 0.86 -7.64
CA SER I 30 9.78 1.81 -7.61
C SER I 30 8.72 1.38 -6.61
N LEU I 31 8.59 0.07 -6.43
CA LEU I 31 7.51 -0.46 -5.63
C LEU I 31 7.96 -1.02 -4.29
N ASP I 32 9.28 -1.14 -4.10
CA ASP I 32 9.83 -1.81 -2.93
C ASP I 32 9.27 -3.22 -2.85
N ALA I 33 9.28 -3.89 -4.01
CA ALA I 33 8.79 -5.24 -4.09
C ALA I 33 9.97 -6.17 -4.28
N PRO I 34 9.88 -7.38 -3.73
CA PRO I 34 10.97 -8.34 -3.91
C PRO I 34 11.18 -8.61 -5.39
N LEU I 35 12.43 -8.53 -5.85
CA LEU I 35 12.75 -8.73 -7.25
C LEU I 35 12.25 -10.08 -7.74
N THR I 36 12.39 -11.09 -6.90
CA THR I 36 11.96 -12.45 -7.21
C THR I 36 10.46 -12.51 -7.51
N SER I 37 9.72 -11.51 -7.06
CA SER I 37 8.28 -11.46 -7.30
C SER I 37 7.93 -10.77 -8.61
N VAL I 38 8.92 -10.18 -9.27
CA VAL I 38 8.67 -9.46 -10.51
C VAL I 38 8.80 -10.41 -11.69
N ARG I 39 7.73 -10.51 -12.48
CA ARG I 39 7.72 -11.37 -13.65
C ARG I 39 7.49 -10.56 -14.93
N VAL I 40 8.27 -10.86 -15.96
CA VAL I 40 8.15 -10.13 -17.23
C VAL I 40 7.96 -11.06 -18.42
N ILE I 41 6.98 -10.75 -19.26
CA ILE I 41 6.77 -11.48 -20.49
C ILE I 41 6.75 -10.55 -21.70
N ILE I 42 7.46 -10.94 -22.75
CA ILE I 42 7.59 -10.14 -23.96
C ILE I 42 6.76 -10.69 -25.11
N THR I 43 6.06 -9.81 -25.81
CA THR I 43 5.35 -10.21 -27.03
C THR I 43 5.86 -9.37 -28.19
N GLU I 44 6.30 -10.05 -29.25
CA GLU I 44 6.83 -9.38 -30.43
C GLU I 44 5.76 -9.26 -31.50
N TYR I 45 5.82 -8.21 -32.30
CA TYR I 45 4.82 -8.03 -33.35
C TYR I 45 5.45 -7.79 -34.71
N ALA I 46 5.04 -8.59 -35.69
CA ALA I 46 5.46 -8.40 -37.07
C ALA I 46 4.91 -7.07 -37.58
N LYS I 47 5.52 -6.54 -38.62
CA LYS I 47 5.21 -5.20 -39.11
C LYS I 47 3.74 -4.99 -39.47
N GLY I 48 3.10 -6.04 -39.97
CA GLY I 48 1.70 -5.98 -40.34
C GLY I 48 0.75 -6.15 -39.17
N HIS I 49 1.30 -6.24 -37.96
CA HIS I 49 0.49 -6.49 -36.78
C HIS I 49 0.51 -5.33 -35.78
N ALA I 50 1.09 -4.20 -36.17
CA ALA I 50 1.18 -3.06 -35.28
C ALA I 50 0.82 -1.75 -35.99
N GLY I 51 -0.10 -0.99 -35.41
CA GLY I 51 -0.55 0.25 -36.01
C GLY I 51 -0.44 1.50 -35.17
N ILE I 52 -0.06 2.61 -35.81
CA ILE I 52 -0.04 3.92 -35.16
C ILE I 52 -0.76 4.95 -36.04
N GLY I 53 -2.07 5.06 -35.88
CA GLY I 53 -2.81 6.07 -36.61
C GLY I 53 -3.55 5.47 -37.79
N GLY I 54 -3.84 4.17 -37.70
CA GLY I 54 -4.48 3.44 -38.77
C GLY I 54 -3.44 2.89 -39.74
N GLU I 55 -2.18 3.25 -39.50
CA GLU I 55 -1.09 2.84 -40.37
C GLU I 55 0.00 2.06 -39.65
N LEU I 56 0.68 1.20 -40.40
CA LEU I 56 1.71 0.33 -39.87
C LEU I 56 2.94 1.11 -39.42
N ALA I 57 3.64 0.55 -38.44
CA ALA I 57 4.86 1.16 -37.92
C ALA I 57 6.02 1.00 -38.90
N PRO J 1 6.82 0.86 -28.38
CA PRO J 1 6.73 -0.21 -27.38
C PRO J 1 5.67 0.09 -26.32
N ILE J 2 4.93 -0.94 -25.92
CA ILE J 2 3.84 -0.79 -24.95
C ILE J 2 3.99 -1.73 -23.77
N ALA J 3 3.99 -1.18 -22.56
CA ALA J 3 4.08 -1.98 -21.35
C ALA J 3 2.82 -1.92 -20.51
N GLN J 4 2.20 -3.06 -20.29
CA GLN J 4 1.10 -3.16 -19.33
C GLN J 4 1.61 -3.77 -18.05
N ILE J 5 1.50 -3.04 -16.94
CA ILE J 5 2.01 -3.53 -15.67
C ILE J 5 0.89 -3.84 -14.70
N HIS J 6 0.81 -5.11 -14.29
CA HIS J 6 -0.21 -5.56 -13.35
C HIS J 6 0.35 -5.64 -11.95
N ILE J 7 -0.23 -4.85 -11.04
CA ILE J 7 0.25 -4.81 -9.65
C ILE J 7 -0.93 -4.87 -8.69
N LEU J 8 -0.64 -5.23 -7.44
CA LEU J 8 -1.64 -5.21 -6.39
C LEU J 8 -1.92 -3.77 -5.98
N GLU J 9 -3.17 -3.48 -5.65
CA GLU J 9 -3.56 -2.14 -5.21
C GLU J 9 -2.98 -1.84 -3.85
N GLY J 10 -3.00 -0.56 -3.47
CA GLY J 10 -2.55 -0.17 -2.16
C GLY J 10 -1.36 0.77 -2.18
N ARG J 11 -0.83 1.02 -3.36
CA ARG J 11 0.31 1.90 -3.46
C ARG J 11 -0.12 3.35 -3.70
N SER J 12 0.77 4.28 -3.37
CA SER J 12 0.47 5.68 -3.49
C SER J 12 0.66 6.12 -4.94
N ASP J 13 0.09 7.26 -5.29
CA ASP J 13 0.27 7.81 -6.63
C ASP J 13 1.75 8.08 -6.92
N GLU J 14 2.48 8.48 -5.89
CA GLU J 14 3.88 8.85 -6.07
C GLU J 14 4.72 7.63 -6.45
N GLN J 15 4.46 6.49 -5.81
CA GLN J 15 5.15 5.25 -6.17
C GLN J 15 4.81 4.80 -7.57
N LYS J 16 3.54 4.93 -7.95
CA LYS J 16 3.07 4.48 -9.25
C LYS J 16 3.53 5.43 -10.34
N GLU J 17 3.72 6.70 -9.99
CA GLU J 17 4.31 7.66 -10.92
C GLU J 17 5.78 7.37 -11.18
N THR J 18 6.51 7.02 -10.13
CA THR J 18 7.91 6.65 -10.24
C THR J 18 8.04 5.37 -11.05
N LEU J 19 7.12 4.44 -10.81
CA LEU J 19 7.08 3.19 -11.56
C LEU J 19 6.96 3.44 -13.06
N ILE J 20 6.02 4.30 -13.44
CA ILE J 20 5.80 4.63 -14.84
C ILE J 20 7.03 5.27 -15.45
N ARG J 21 7.61 6.24 -14.73
CA ARG J 21 8.78 6.95 -15.20
C ARG J 21 9.97 6.02 -15.36
N GLU J 22 10.28 5.26 -14.32
CA GLU J 22 11.46 4.39 -14.32
C GLU J 22 11.32 3.23 -15.32
N VAL J 23 10.13 2.65 -15.42
CA VAL J 23 9.88 1.60 -16.40
C VAL J 23 10.01 2.15 -17.82
N SER J 24 9.47 3.35 -18.02
CA SER J 24 9.54 4.01 -19.33
C SER J 24 10.99 4.27 -19.71
N GLU J 25 11.76 4.72 -18.73
CA GLU J 25 13.15 5.03 -18.93
C GLU J 25 13.92 3.76 -19.29
N ALA J 26 13.63 2.69 -18.55
CA ALA J 26 14.27 1.40 -18.76
C ALA J 26 14.00 0.84 -20.16
N ILE J 27 12.77 0.99 -20.63
CA ILE J 27 12.39 0.53 -21.96
C ILE J 27 13.13 1.32 -23.04
N SER J 28 13.15 2.63 -22.89
CA SER J 28 13.80 3.51 -23.87
C SER J 28 15.29 3.20 -23.99
N ARG J 29 15.96 3.04 -22.85
CA ARG J 29 17.39 2.77 -22.84
C ARG J 29 17.71 1.36 -23.35
N SER J 30 16.93 0.38 -22.89
CA SER J 30 17.19 -1.02 -23.22
C SER J 30 17.03 -1.30 -24.71
N LEU J 31 16.14 -0.55 -25.34
CA LEU J 31 15.76 -0.83 -26.72
C LEU J 31 16.35 0.20 -27.67
N ASP J 32 16.94 1.25 -27.11
CA ASP J 32 17.42 2.40 -27.87
C ASP J 32 16.28 3.00 -28.66
N ALA J 33 15.14 3.15 -27.99
CA ALA J 33 13.95 3.74 -28.59
C ALA J 33 13.68 5.10 -27.98
N PRO J 34 13.15 6.03 -28.78
CA PRO J 34 12.80 7.36 -28.28
C PRO J 34 11.79 7.26 -27.15
N LEU J 35 12.02 7.98 -26.07
CA LEU J 35 11.15 7.95 -24.90
C LEU J 35 9.70 8.23 -25.28
N THR J 36 9.50 9.17 -26.21
CA THR J 36 8.17 9.55 -26.67
C THR J 36 7.35 8.43 -27.29
N SER J 37 8.04 7.39 -27.75
CA SER J 37 7.36 6.27 -28.38
C SER J 37 6.95 5.22 -27.35
N VAL J 38 7.36 5.44 -26.11
CA VAL J 38 7.10 4.50 -25.03
C VAL J 38 5.80 4.77 -24.28
N ARG J 39 4.93 3.77 -24.25
CA ARG J 39 3.72 3.87 -23.44
C ARG J 39 3.66 2.79 -22.37
N VAL J 40 3.28 3.23 -21.18
CA VAL J 40 3.20 2.36 -20.02
C VAL J 40 1.80 2.48 -19.42
N ILE J 41 1.20 1.33 -19.15
CA ILE J 41 -0.10 1.29 -18.52
C ILE J 41 -0.12 0.44 -17.26
N ILE J 42 -0.70 0.98 -16.19
CA ILE J 42 -0.78 0.28 -14.92
C ILE J 42 -2.19 -0.21 -14.67
N THR J 43 -2.32 -1.46 -14.28
CA THR J 43 -3.61 -2.01 -13.88
C THR J 43 -3.50 -2.52 -12.45
N GLU J 44 -4.40 -2.04 -11.59
CA GLU J 44 -4.40 -2.46 -10.19
C GLU J 44 -5.40 -3.58 -9.96
N TYR J 45 -5.08 -4.44 -9.00
CA TYR J 45 -5.98 -5.54 -8.67
C TYR J 45 -6.21 -5.56 -7.17
N ALA J 46 -7.48 -5.56 -6.77
CA ALA J 46 -7.77 -5.70 -5.36
C ALA J 46 -7.31 -7.08 -4.92
N LYS J 47 -7.03 -7.23 -3.63
CA LYS J 47 -6.46 -8.47 -3.10
C LYS J 47 -7.33 -9.69 -3.36
N GLY J 48 -8.65 -9.51 -3.41
CA GLY J 48 -9.54 -10.62 -3.69
C GLY J 48 -9.64 -10.97 -5.16
N HIS J 49 -8.85 -10.27 -5.98
CA HIS J 49 -8.88 -10.47 -7.43
C HIS J 49 -7.55 -10.99 -7.93
N ALA J 50 -6.66 -11.36 -7.01
CA ALA J 50 -5.34 -11.86 -7.39
C ALA J 50 -4.96 -13.09 -6.58
N GLY J 51 -4.56 -14.14 -7.28
CA GLY J 51 -4.21 -15.39 -6.62
C GLY J 51 -2.82 -15.88 -6.92
N ILE J 52 -2.17 -16.42 -5.88
CA ILE J 52 -0.88 -17.09 -6.02
C ILE J 52 -0.97 -18.44 -5.32
N GLY J 53 -0.69 -19.51 -6.06
CA GLY J 53 -0.70 -20.83 -5.48
C GLY J 53 -2.10 -21.22 -5.03
N GLY J 54 -3.11 -20.62 -5.66
CA GLY J 54 -4.48 -20.88 -5.27
C GLY J 54 -4.93 -19.96 -4.15
N GLU J 55 -4.03 -19.11 -3.68
CA GLU J 55 -4.34 -18.29 -2.52
C GLU J 55 -4.38 -16.81 -2.87
N LEU J 56 -5.31 -16.11 -2.23
CA LEU J 56 -5.51 -14.68 -2.44
C LEU J 56 -4.38 -13.85 -1.87
N ALA J 57 -4.19 -12.65 -2.41
CA ALA J 57 -3.15 -11.75 -1.94
C ALA J 57 -3.51 -11.25 -0.54
N SER J 58 -4.70 -11.67 -0.08
CA SER J 58 -5.15 -11.53 1.30
C SER J 58 -5.22 -12.87 2.07
N PRO K 1 -5.18 5.99 -27.01
CA PRO K 1 -5.91 4.73 -26.83
C PRO K 1 -5.18 3.54 -27.46
N ILE K 2 -5.20 2.40 -26.78
CA ILE K 2 -4.50 1.21 -27.24
C ILE K 2 -5.46 0.03 -27.36
N ALA K 3 -5.47 -0.60 -28.53
CA ALA K 3 -6.34 -1.74 -28.78
C ALA K 3 -5.57 -3.04 -29.01
N GLN K 4 -5.87 -4.05 -28.19
CA GLN K 4 -5.37 -5.40 -28.42
C GLN K 4 -6.44 -6.22 -29.10
N ILE K 5 -6.16 -6.72 -30.29
CA ILE K 5 -7.14 -7.51 -31.02
C ILE K 5 -6.67 -8.95 -31.15
N HIS K 6 -7.42 -9.87 -30.57
CA HIS K 6 -7.08 -11.29 -30.61
C HIS K 6 -7.91 -11.99 -31.69
N ILE K 7 -7.22 -12.56 -32.67
CA ILE K 7 -7.89 -13.21 -33.80
C ILE K 7 -7.26 -14.56 -34.12
N LEU K 8 -8.00 -15.39 -34.85
CA LEU K 8 -7.51 -16.66 -35.33
C LEU K 8 -6.51 -16.44 -36.46
N GLU K 9 -5.46 -17.25 -36.51
CA GLU K 9 -4.44 -17.11 -37.56
C GLU K 9 -5.03 -17.55 -38.90
N GLY K 10 -4.36 -17.17 -39.98
CA GLY K 10 -4.78 -17.60 -41.30
C GLY K 10 -5.19 -16.47 -42.21
N ARG K 11 -5.24 -15.25 -41.67
CA ARG K 11 -5.67 -14.11 -42.48
C ARG K 11 -4.51 -13.44 -43.19
N SER K 12 -4.82 -12.72 -44.27
CA SER K 12 -3.81 -12.09 -45.10
C SER K 12 -3.31 -10.80 -44.47
N ASP K 13 -2.16 -10.34 -44.95
CA ASP K 13 -1.57 -9.09 -44.50
C ASP K 13 -2.51 -7.92 -44.77
N GLU K 14 -3.19 -7.97 -45.91
CA GLU K 14 -4.07 -6.88 -46.33
C GLU K 14 -5.32 -6.79 -45.46
N GLN K 15 -5.88 -7.94 -45.08
CA GLN K 15 -7.04 -7.97 -44.20
C GLN K 15 -6.70 -7.37 -42.84
N LYS K 16 -5.53 -7.73 -42.33
CA LYS K 16 -5.09 -7.29 -41.02
C LYS K 16 -4.61 -5.84 -41.06
N GLU K 17 -4.11 -5.41 -42.22
CA GLU K 17 -3.75 -4.02 -42.43
C GLU K 17 -5.02 -3.17 -42.46
N THR K 18 -6.06 -3.72 -43.08
CA THR K 18 -7.38 -3.09 -43.10
C THR K 18 -7.98 -3.05 -41.70
N LEU K 19 -7.79 -4.14 -40.95
CA LEU K 19 -8.26 -4.22 -39.57
C LEU K 19 -7.68 -3.09 -38.72
N ILE K 20 -6.37 -2.88 -38.82
CA ILE K 20 -5.69 -1.84 -38.07
C ILE K 20 -6.20 -0.44 -38.43
N ARG K 21 -6.35 -0.19 -39.73
CA ARG K 21 -6.78 1.12 -40.20
C ARG K 21 -8.17 1.44 -39.69
N GLU K 22 -9.07 0.52 -39.96
CA GLU K 22 -10.49 0.70 -39.69
C GLU K 22 -10.84 0.74 -38.21
N VAL K 23 -10.20 -0.10 -37.41
CA VAL K 23 -10.40 -0.08 -35.95
C VAL K 23 -9.89 1.23 -35.36
N SER K 24 -8.74 1.70 -35.85
CA SER K 24 -8.13 2.92 -35.36
C SER K 24 -9.03 4.12 -35.58
N GLU K 25 -9.63 4.16 -36.76
CA GLU K 25 -10.55 5.22 -37.12
C GLU K 25 -11.81 5.14 -36.23
N ALA K 26 -12.32 3.94 -36.02
CA ALA K 26 -13.51 3.71 -35.21
C ALA K 26 -13.29 4.20 -33.77
N ILE K 27 -12.10 3.94 -33.24
CA ILE K 27 -11.73 4.41 -31.92
C ILE K 27 -11.65 5.93 -31.95
N SER K 28 -10.99 6.45 -32.98
CA SER K 28 -10.81 7.89 -33.14
C SER K 28 -12.14 8.63 -33.27
N ARG K 29 -13.04 8.08 -34.07
CA ARG K 29 -14.35 8.70 -34.29
C ARG K 29 -15.18 8.70 -33.01
N SER K 30 -15.22 7.54 -32.35
CA SER K 30 -16.05 7.35 -31.16
C SER K 30 -15.62 8.21 -29.97
N LEU K 31 -14.33 8.51 -29.88
CA LEU K 31 -13.79 9.15 -28.68
C LEU K 31 -13.44 10.62 -28.91
N ASP K 32 -13.48 11.03 -30.17
CA ASP K 32 -13.03 12.36 -30.59
C ASP K 32 -11.57 12.56 -30.17
N ALA K 33 -10.77 11.53 -30.38
CA ALA K 33 -9.36 11.59 -30.07
C ALA K 33 -8.56 11.60 -31.37
N PRO K 34 -7.41 12.29 -31.38
CA PRO K 34 -6.59 12.33 -32.59
C PRO K 34 -6.15 10.93 -33.03
N LEU K 35 -6.27 10.68 -34.32
CA LEU K 35 -5.91 9.39 -34.91
C LEU K 35 -4.48 8.99 -34.54
N THR K 36 -3.59 9.98 -34.51
CA THR K 36 -2.20 9.76 -34.19
C THR K 36 -1.99 9.16 -32.79
N SER K 37 -2.98 9.31 -31.93
CA SER K 37 -2.89 8.79 -30.56
C SER K 37 -3.39 7.35 -30.46
N VAL K 38 -3.96 6.84 -31.56
CA VAL K 38 -4.53 5.50 -31.53
C VAL K 38 -3.51 4.46 -31.95
N ARG K 39 -3.28 3.49 -31.07
CA ARG K 39 -2.39 2.37 -31.36
C ARG K 39 -3.11 1.05 -31.32
N VAL K 40 -2.82 0.21 -32.32
CA VAL K 40 -3.43 -1.11 -32.43
C VAL K 40 -2.36 -2.18 -32.56
N ILE K 41 -2.48 -3.24 -31.77
CA ILE K 41 -1.58 -4.37 -31.90
C ILE K 41 -2.40 -5.65 -32.11
N ILE K 42 -1.98 -6.46 -33.08
CA ILE K 42 -2.70 -7.69 -33.41
C ILE K 42 -1.98 -8.92 -32.88
N THR K 43 -2.74 -9.82 -32.26
CA THR K 43 -2.21 -11.10 -31.82
C THR K 43 -3.00 -12.25 -32.45
N GLU K 44 -2.29 -13.15 -33.11
CA GLU K 44 -2.90 -14.31 -33.76
C GLU K 44 -2.87 -15.55 -32.91
N TYR K 45 -3.86 -16.42 -33.07
CA TYR K 45 -3.87 -17.66 -32.31
C TYR K 45 -4.06 -18.88 -33.18
N ALA K 46 -3.13 -19.83 -33.03
CA ALA K 46 -3.22 -21.10 -33.71
C ALA K 46 -4.42 -21.90 -33.22
N LYS K 47 -4.83 -22.86 -34.04
CA LYS K 47 -6.07 -23.61 -33.83
C LYS K 47 -6.08 -24.33 -32.48
N GLY K 48 -4.92 -24.77 -32.00
CA GLY K 48 -4.82 -25.44 -30.71
C GLY K 48 -4.75 -24.49 -29.53
N HIS K 49 -4.85 -23.19 -29.79
CA HIS K 49 -4.69 -22.19 -28.74
C HIS K 49 -5.95 -21.37 -28.46
N ALA K 50 -7.08 -21.80 -29.01
CA ALA K 50 -8.33 -21.07 -28.81
C ALA K 50 -9.48 -22.03 -28.48
N GLY K 51 -10.18 -21.75 -27.37
CA GLY K 51 -11.26 -22.61 -26.93
C GLY K 51 -12.59 -21.91 -26.77
N ILE K 52 -13.67 -22.59 -27.16
CA ILE K 52 -15.02 -22.09 -26.95
C ILE K 52 -15.89 -23.16 -26.32
N GLY K 53 -15.87 -23.23 -25.00
CA GLY K 53 -16.71 -24.17 -24.28
C GLY K 53 -15.89 -25.37 -23.87
N GLY K 54 -14.59 -25.17 -23.77
CA GLY K 54 -13.69 -26.26 -23.44
C GLY K 54 -13.20 -26.98 -24.69
N GLU K 55 -13.69 -26.55 -25.85
CA GLU K 55 -13.39 -27.25 -27.10
C GLU K 55 -12.60 -26.35 -28.05
N LEU K 56 -11.75 -26.95 -28.87
CA LEU K 56 -11.00 -26.16 -29.85
C LEU K 56 -11.98 -25.72 -30.94
N ALA K 57 -11.72 -24.56 -31.53
CA ALA K 57 -12.58 -24.03 -32.57
C ALA K 57 -12.41 -24.81 -33.88
N PRO L 1 -13.75 -13.29 -32.43
CA PRO L 1 -12.70 -12.28 -32.30
C PRO L 1 -12.83 -11.49 -31.00
N ILE L 2 -11.71 -11.19 -30.36
CA ILE L 2 -11.73 -10.49 -29.09
C ILE L 2 -10.88 -9.23 -29.12
N ALA L 3 -11.50 -8.10 -28.80
CA ALA L 3 -10.80 -6.82 -28.77
C ALA L 3 -10.73 -6.29 -27.35
N GLN L 4 -9.52 -6.08 -26.87
CA GLN L 4 -9.29 -5.46 -25.58
C GLN L 4 -8.91 -4.00 -25.81
N ILE L 5 -9.72 -3.05 -25.33
CA ILE L 5 -9.46 -1.64 -25.58
C ILE L 5 -9.09 -0.85 -24.33
N HIS L 6 -7.88 -0.29 -24.34
CA HIS L 6 -7.37 0.50 -23.23
C HIS L 6 -7.50 2.00 -23.50
N ILE L 7 -8.27 2.69 -22.67
CA ILE L 7 -8.54 4.11 -22.85
C ILE L 7 -8.41 4.89 -21.54
N LEU L 8 -8.25 6.21 -21.64
CA LEU L 8 -8.28 7.06 -20.45
C LEU L 8 -9.72 7.20 -19.97
N GLU L 9 -9.88 7.22 -18.65
CA GLU L 9 -11.18 7.38 -18.03
C GLU L 9 -11.69 8.80 -18.24
N GLY L 10 -12.99 9.00 -18.00
CA GLY L 10 -13.57 10.32 -18.07
C GLY L 10 -14.63 10.49 -19.12
N ARG L 11 -14.82 9.46 -19.92
CA ARG L 11 -15.82 9.50 -20.97
C ARG L 11 -17.14 8.95 -20.46
N SER L 12 -18.23 9.36 -21.09
CA SER L 12 -19.58 8.98 -20.66
C SER L 12 -19.94 7.58 -21.13
N ASP L 13 -20.99 7.00 -20.56
CA ASP L 13 -21.44 5.67 -20.96
C ASP L 13 -21.80 5.58 -22.45
N GLU L 14 -22.41 6.61 -22.99
CA GLU L 14 -22.86 6.54 -24.38
C GLU L 14 -21.65 6.55 -25.32
N GLN L 15 -20.62 7.31 -24.94
CA GLN L 15 -19.39 7.37 -25.73
C GLN L 15 -18.77 5.98 -25.81
N LYS L 16 -18.77 5.28 -24.68
CA LYS L 16 -18.17 3.96 -24.58
C LYS L 16 -19.05 2.87 -25.19
N GLU L 17 -20.37 3.08 -25.16
CA GLU L 17 -21.25 2.14 -25.87
C GLU L 17 -21.08 2.31 -27.37
N THR L 18 -20.93 3.56 -27.82
CA THR L 18 -20.69 3.84 -29.22
C THR L 18 -19.35 3.24 -29.66
N LEU L 19 -18.34 3.37 -28.81
CA LEU L 19 -17.03 2.79 -29.06
C LEU L 19 -17.12 1.29 -29.30
N ILE L 20 -17.84 0.61 -28.42
CA ILE L 20 -18.04 -0.84 -28.51
C ILE L 20 -18.75 -1.20 -29.81
N ARG L 21 -19.80 -0.47 -30.15
CA ARG L 21 -20.55 -0.75 -31.36
C ARG L 21 -19.69 -0.60 -32.58
N GLU L 22 -19.05 0.56 -32.67
CA GLU L 22 -18.31 0.96 -33.85
C GLU L 22 -17.06 0.09 -34.05
N VAL L 23 -16.37 -0.23 -32.96
CA VAL L 23 -15.21 -1.11 -33.01
C VAL L 23 -15.62 -2.53 -33.42
N SER L 24 -16.73 -3.01 -32.87
CA SER L 24 -17.22 -4.35 -33.18
C SER L 24 -17.54 -4.49 -34.66
N GLU L 25 -18.19 -3.48 -35.21
CA GLU L 25 -18.56 -3.44 -36.61
C GLU L 25 -17.31 -3.39 -37.49
N ALA L 26 -16.35 -2.58 -37.09
CA ALA L 26 -15.09 -2.46 -37.82
C ALA L 26 -14.38 -3.80 -37.87
N ILE L 27 -14.42 -4.53 -36.76
CA ILE L 27 -13.84 -5.86 -36.68
C ILE L 27 -14.61 -6.83 -37.60
N SER L 28 -15.93 -6.78 -37.51
CA SER L 28 -16.79 -7.66 -38.29
C SER L 28 -16.59 -7.43 -39.79
N ARG L 29 -16.53 -6.14 -40.17
CA ARG L 29 -16.35 -5.74 -41.55
C ARG L 29 -14.95 -6.10 -42.08
N SER L 30 -13.91 -5.79 -41.32
CA SER L 30 -12.55 -6.05 -41.77
C SER L 30 -12.25 -7.55 -41.89
N LEU L 31 -12.91 -8.37 -41.06
CA LEU L 31 -12.56 -9.78 -40.95
C LEU L 31 -13.54 -10.74 -41.62
N ASP L 32 -14.69 -10.21 -42.04
CA ASP L 32 -15.78 -10.99 -42.61
C ASP L 32 -16.23 -12.04 -41.58
N ALA L 33 -16.33 -11.62 -40.33
CA ALA L 33 -16.77 -12.49 -39.25
C ALA L 33 -18.14 -12.07 -38.73
N PRO L 34 -18.94 -13.06 -38.30
CA PRO L 34 -20.25 -12.70 -37.75
C PRO L 34 -20.09 -11.78 -36.55
N LEU L 35 -20.86 -10.70 -36.54
CA LEU L 35 -20.84 -9.71 -35.49
C LEU L 35 -21.05 -10.41 -34.14
N THR L 36 -21.90 -11.43 -34.16
CA THR L 36 -22.22 -12.21 -32.98
C THR L 36 -20.99 -12.85 -32.32
N SER L 37 -19.93 -13.05 -33.11
CA SER L 37 -18.70 -13.67 -32.61
C SER L 37 -17.71 -12.65 -32.09
N VAL L 38 -18.04 -11.36 -32.26
CA VAL L 38 -17.13 -10.31 -31.86
C VAL L 38 -17.37 -9.88 -30.42
N ARG L 39 -16.32 -9.95 -29.61
CA ARG L 39 -16.42 -9.50 -28.24
C ARG L 39 -15.46 -8.34 -28.02
N VAL L 40 -15.93 -7.32 -27.33
CA VAL L 40 -15.13 -6.14 -27.05
C VAL L 40 -15.08 -5.92 -25.56
N ILE L 41 -13.87 -5.65 -25.09
CA ILE L 41 -13.63 -5.38 -23.69
C ILE L 41 -13.01 -4.01 -23.49
N ILE L 42 -13.61 -3.22 -22.60
CA ILE L 42 -13.08 -1.90 -22.33
C ILE L 42 -12.44 -1.86 -20.95
N THR L 43 -11.23 -1.33 -20.89
CA THR L 43 -10.57 -1.09 -19.62
C THR L 43 -10.21 0.39 -19.53
N GLU L 44 -10.62 1.03 -18.44
CA GLU L 44 -10.34 2.44 -18.26
C GLU L 44 -9.10 2.63 -17.40
N TYR L 45 -8.36 3.69 -17.67
CA TYR L 45 -7.16 3.99 -16.89
C TYR L 45 -7.18 5.42 -16.39
N ALA L 46 -7.00 5.56 -15.07
CA ALA L 46 -6.91 6.88 -14.51
C ALA L 46 -5.65 7.55 -15.04
N LYS L 47 -5.68 8.87 -15.03
CA LYS L 47 -4.65 9.70 -15.62
C LYS L 47 -3.29 9.40 -15.01
N GLY L 48 -3.28 9.05 -13.72
CA GLY L 48 -2.06 8.71 -13.01
C GLY L 48 -1.54 7.28 -13.19
N HIS L 49 -2.22 6.50 -14.02
CA HIS L 49 -1.85 5.10 -14.24
C HIS L 49 -1.41 4.87 -15.68
N ALA L 50 -1.23 5.97 -16.41
CA ALA L 50 -0.88 5.89 -17.82
C ALA L 50 0.25 6.85 -18.16
N GLY L 51 1.25 6.35 -18.88
CA GLY L 51 2.36 7.20 -19.25
C GLY L 51 2.37 7.28 -20.76
N ILE L 52 2.61 8.49 -21.26
CA ILE L 52 2.68 8.73 -22.70
C ILE L 52 3.94 9.51 -23.02
N GLY L 53 5.04 8.78 -23.22
CA GLY L 53 6.28 9.42 -23.61
C GLY L 53 7.15 9.57 -22.38
N GLY L 54 6.89 8.73 -21.37
CA GLY L 54 7.58 8.85 -20.11
C GLY L 54 6.86 9.79 -19.17
N GLU L 55 5.77 10.39 -19.65
CA GLU L 55 5.05 11.38 -18.85
C GLU L 55 3.61 10.94 -18.56
N LEU L 56 3.10 11.32 -17.40
CA LEU L 56 1.74 10.94 -17.01
C LEU L 56 0.68 11.69 -17.80
N ALA L 57 -0.45 11.04 -18.01
CA ALA L 57 -1.56 11.67 -18.71
C ALA L 57 -2.24 12.67 -17.78
N SER L 58 -1.88 12.63 -16.51
CA SER L 58 -2.37 13.60 -15.54
C SER L 58 -1.51 14.82 -15.55
N LYS L 59 -0.20 14.61 -15.59
CA LYS L 59 0.77 15.70 -15.65
C LYS L 59 1.18 16.07 -17.09
N PRO M 1 26.71 -12.66 29.53
CA PRO M 1 27.19 -11.36 29.04
C PRO M 1 27.93 -11.49 27.71
N ILE M 2 27.74 -10.53 26.82
CA ILE M 2 28.36 -10.56 25.51
C ILE M 2 29.18 -9.29 25.34
N ALA M 3 30.47 -9.48 25.03
CA ALA M 3 31.36 -8.35 24.82
C ALA M 3 31.77 -8.32 23.36
N GLN M 4 31.45 -7.21 22.71
CA GLN M 4 31.88 -6.97 21.34
C GLN M 4 33.06 -6.02 21.37
N ILE M 5 34.21 -6.48 20.88
CA ILE M 5 35.41 -5.64 20.92
C ILE M 5 35.87 -5.21 19.53
N HIS M 6 35.86 -3.91 19.31
CA HIS M 6 36.29 -3.35 18.03
C HIS M 6 37.72 -2.85 18.15
N ILE M 7 38.62 -3.42 17.35
CA ILE M 7 40.03 -3.04 17.42
C ILE M 7 40.63 -2.82 16.03
N LEU M 8 41.74 -2.11 15.99
CA LEU M 8 42.48 -1.91 14.76
C LEU M 8 43.26 -3.17 14.39
N GLU M 9 43.34 -3.47 13.11
CA GLU M 9 44.06 -4.66 12.65
C GLU M 9 45.58 -4.49 12.78
N GLY M 10 46.30 -5.60 12.72
CA GLY M 10 47.76 -5.56 12.76
C GLY M 10 48.35 -6.27 13.96
N ARG M 11 47.47 -6.68 14.87
CA ARG M 11 47.86 -7.34 16.11
C ARG M 11 47.91 -8.86 15.90
N SER M 12 48.68 -9.57 16.73
CA SER M 12 48.90 -11.00 16.53
C SER M 12 47.77 -11.89 17.02
N ASP M 13 47.77 -13.14 16.58
CA ASP M 13 46.76 -14.13 16.99
C ASP M 13 46.74 -14.34 18.50
N GLU M 14 47.93 -14.38 19.09
CA GLU M 14 48.06 -14.66 20.52
C GLU M 14 47.55 -13.50 21.37
N GLN M 15 47.82 -12.27 20.94
CA GLN M 15 47.35 -11.09 21.66
C GLN M 15 45.83 -11.07 21.72
N LYS M 16 45.23 -11.44 20.60
CA LYS M 16 43.77 -11.43 20.49
C LYS M 16 43.18 -12.61 21.24
N GLU M 17 43.94 -13.70 21.34
CA GLU M 17 43.51 -14.86 22.13
C GLU M 17 43.53 -14.58 23.64
N THR M 18 44.58 -13.94 24.12
CA THR M 18 44.64 -13.49 25.52
C THR M 18 43.59 -12.41 25.75
N LEU M 19 43.38 -11.56 24.74
CA LEU M 19 42.34 -10.53 24.82
C LEU M 19 41.00 -11.16 25.14
N ILE M 20 40.65 -12.22 24.42
CA ILE M 20 39.42 -12.93 24.68
C ILE M 20 39.39 -13.51 26.09
N ARG M 21 40.49 -14.16 26.48
CA ARG M 21 40.61 -14.79 27.79
C ARG M 21 40.55 -13.78 28.93
N GLU M 22 41.39 -12.75 28.86
CA GLU M 22 41.53 -11.79 29.97
C GLU M 22 40.27 -10.96 30.16
N VAL M 23 39.65 -10.55 29.06
CA VAL M 23 38.39 -9.81 29.11
C VAL M 23 37.29 -10.70 29.70
N SER M 24 37.28 -11.95 29.30
CA SER M 24 36.28 -12.91 29.77
C SER M 24 36.38 -13.09 31.28
N GLU M 25 37.62 -13.17 31.77
CA GLU M 25 37.87 -13.29 33.20
C GLU M 25 37.38 -12.06 33.95
N ALA M 26 37.65 -10.88 33.40
CA ALA M 26 37.25 -9.61 33.98
C ALA M 26 35.74 -9.50 34.11
N ILE M 27 35.03 -9.96 33.08
CA ILE M 27 33.57 -9.94 33.08
C ILE M 27 33.04 -10.87 34.17
N SER M 28 33.61 -12.06 34.25
CA SER M 28 33.21 -13.04 35.26
C SER M 28 33.41 -12.49 36.66
N ARG M 29 34.55 -11.83 36.89
CA ARG M 29 34.88 -11.30 38.21
C ARG M 29 33.95 -10.17 38.61
N SER M 30 33.78 -9.22 37.70
CA SER M 30 33.03 -7.99 37.98
C SER M 30 31.55 -8.20 38.23
N LEU M 31 30.98 -9.20 37.59
CA LEU M 31 29.53 -9.39 37.59
C LEU M 31 29.07 -10.57 38.43
N ASP M 32 30.03 -11.36 38.91
CA ASP M 32 29.76 -12.62 39.59
C ASP M 32 28.99 -13.56 38.66
N ALA M 33 29.47 -13.65 37.42
CA ALA M 33 28.86 -14.51 36.42
C ALA M 33 29.80 -15.67 36.08
N PRO M 34 29.23 -16.85 35.79
CA PRO M 34 30.06 -17.99 35.38
C PRO M 34 30.84 -17.65 34.12
N LEU M 35 32.13 -17.97 34.11
CA LEU M 35 32.99 -17.69 32.96
C LEU M 35 32.40 -18.26 31.66
N THR M 36 31.83 -19.46 31.78
CA THR M 36 31.23 -20.17 30.65
C THR M 36 30.06 -19.38 30.02
N SER M 37 29.48 -18.43 30.73
CA SER M 37 28.40 -17.66 30.19
C SER M 37 28.87 -16.37 29.57
N VAL M 38 30.16 -16.20 29.55
CA VAL M 38 30.76 -15.03 28.91
C VAL M 38 31.16 -15.29 27.46
N ARG M 39 30.65 -14.45 26.55
CA ARG M 39 31.05 -14.51 25.14
C ARG M 39 31.74 -13.25 24.67
N VAL M 40 32.84 -13.45 23.93
CA VAL M 40 33.59 -12.34 23.39
C VAL M 40 33.73 -12.53 21.89
N ILE M 41 33.42 -11.48 21.13
CA ILE M 41 33.60 -11.53 19.69
C ILE M 41 34.44 -10.32 19.28
N ILE M 42 35.42 -10.57 18.43
CA ILE M 42 36.35 -9.52 18.01
C ILE M 42 36.07 -9.09 16.58
N THR M 43 36.04 -7.77 16.37
CA THR M 43 35.94 -7.23 15.01
C THR M 43 37.14 -6.32 14.74
N GLU M 44 37.86 -6.60 13.66
CA GLU M 44 39.03 -5.81 13.29
C GLU M 44 38.69 -4.78 12.21
N TYR M 45 39.40 -3.65 12.22
CA TYR M 45 39.13 -2.60 11.24
C TYR M 45 40.37 -2.14 10.46
N ALA M 46 40.23 -2.13 9.15
CA ALA M 46 41.28 -1.65 8.23
C ALA M 46 41.55 -0.17 8.42
N LYS M 47 42.71 0.28 7.96
CA LYS M 47 43.17 1.66 8.21
C LYS M 47 42.17 2.72 7.74
N GLY M 48 41.50 2.44 6.63
CA GLY M 48 40.51 3.34 6.07
C GLY M 48 39.14 3.24 6.70
N HIS M 49 39.02 2.41 7.73
CA HIS M 49 37.72 2.15 8.33
C HIS M 49 37.60 2.67 9.76
N ALA M 50 38.59 3.44 10.20
CA ALA M 50 38.56 3.99 11.56
C ALA M 50 38.96 5.46 11.59
N GLY M 51 38.11 6.28 12.19
CA GLY M 51 38.36 7.72 12.27
C GLY M 51 38.32 8.25 13.69
N ILE M 52 39.23 9.17 14.00
CA ILE M 52 39.22 9.84 15.30
C ILE M 52 39.32 11.35 15.07
N GLY M 53 38.18 12.00 14.87
CA GLY M 53 38.15 13.45 14.71
C GLY M 53 38.00 13.77 13.24
N GLY M 54 37.46 12.81 12.50
CA GLY M 54 37.32 12.92 11.07
C GLY M 54 38.55 12.42 10.33
N GLU M 55 39.59 12.08 11.08
CA GLU M 55 40.84 11.65 10.45
C GLU M 55 41.22 10.24 10.88
N LEU M 56 41.88 9.52 9.98
CA LEU M 56 42.29 8.14 10.21
C LEU M 56 43.45 8.04 11.21
N ALA M 57 43.53 6.93 11.93
CA ALA M 57 44.62 6.74 12.90
C ALA M 57 45.93 6.45 12.17
N PRO N 1 40.47 1.51 20.87
CA PRO N 1 39.71 0.26 20.97
C PRO N 1 38.36 0.48 21.65
N ILE N 2 37.32 -0.17 21.15
CA ILE N 2 35.98 0.01 21.67
C ILE N 2 35.32 -1.31 22.07
N ALA N 3 34.86 -1.39 23.31
CA ALA N 3 34.18 -2.59 23.79
C ALA N 3 32.72 -2.30 24.09
N GLN N 4 31.83 -3.02 23.42
CA GLN N 4 30.40 -2.92 23.71
C GLN N 4 30.02 -4.14 24.55
N ILE N 5 29.59 -3.93 25.78
CA ILE N 5 29.26 -5.06 26.65
C ILE N 5 27.77 -5.14 26.93
N HIS N 6 27.17 -6.26 26.51
CA HIS N 6 25.74 -6.49 26.68
C HIS N 6 25.51 -7.38 27.88
N ILE N 7 24.78 -6.88 28.87
CA ILE N 7 24.53 -7.62 30.10
C ILE N 7 23.05 -7.56 30.46
N LEU N 8 22.62 -8.50 31.29
CA LEU N 8 21.24 -8.48 31.79
C LEU N 8 21.17 -7.41 32.87
N GLU N 9 20.05 -6.69 32.92
CA GLU N 9 19.91 -5.64 33.93
C GLU N 9 19.72 -6.24 35.31
N GLY N 10 19.89 -5.43 36.34
CA GLY N 10 19.68 -5.87 37.70
C GLY N 10 20.94 -5.79 38.53
N ARG N 11 22.05 -5.44 37.88
CA ARG N 11 23.33 -5.37 38.56
C ARG N 11 23.57 -3.99 39.15
N SER N 12 24.44 -3.93 40.15
CA SER N 12 24.67 -2.68 40.86
C SER N 12 25.61 -1.75 40.09
N ASP N 13 25.56 -0.48 40.46
CA ASP N 13 26.42 0.54 39.88
C ASP N 13 27.87 0.19 40.13
N GLU N 14 28.12 -0.40 41.30
CA GLU N 14 29.46 -0.75 41.72
C GLU N 14 30.11 -1.84 40.90
N GLN N 15 29.33 -2.87 40.59
CA GLN N 15 29.83 -3.96 39.75
C GLN N 15 30.13 -3.48 38.35
N LYS N 16 29.28 -2.61 37.83
CA LYS N 16 29.41 -2.15 36.45
C LYS N 16 30.56 -1.16 36.26
N GLU N 17 30.88 -0.35 37.27
CA GLU N 17 32.06 0.50 37.17
C GLU N 17 33.32 -0.35 37.30
N THR N 18 33.28 -1.38 38.15
CA THR N 18 34.38 -2.32 38.27
C THR N 18 34.54 -3.05 36.93
N LEU N 19 33.41 -3.40 36.32
CA LEU N 19 33.39 -4.02 35.00
C LEU N 19 34.11 -3.17 33.99
N ILE N 20 33.78 -1.89 33.97
CA ILE N 20 34.40 -0.93 33.06
C ILE N 20 35.90 -0.85 33.30
N ARG N 21 36.28 -0.80 34.58
CA ARG N 21 37.68 -0.63 34.96
C ARG N 21 38.55 -1.80 34.50
N GLU N 22 38.18 -3.01 34.90
CA GLU N 22 38.98 -4.20 34.60
C GLU N 22 38.96 -4.66 33.14
N VAL N 23 37.81 -4.54 32.48
CA VAL N 23 37.72 -4.90 31.07
C VAL N 23 38.66 -4.00 30.28
N SER N 24 38.67 -2.72 30.64
CA SER N 24 39.55 -1.75 29.99
C SER N 24 41.02 -2.11 30.19
N GLU N 25 41.37 -2.54 31.41
CA GLU N 25 42.74 -2.93 31.73
C GLU N 25 43.15 -4.16 30.92
N ALA N 26 42.25 -5.13 30.84
CA ALA N 26 42.49 -6.38 30.12
C ALA N 26 42.76 -6.11 28.64
N ILE N 27 42.01 -5.16 28.08
CA ILE N 27 42.19 -4.77 26.70
C ILE N 27 43.57 -4.14 26.51
N SER N 28 43.92 -3.23 27.41
CA SER N 28 45.21 -2.54 27.36
C SER N 28 46.40 -3.49 27.47
N ARG N 29 46.31 -4.45 28.38
CA ARG N 29 47.39 -5.40 28.61
C ARG N 29 47.59 -6.35 27.42
N SER N 30 46.48 -6.89 26.96
CA SER N 30 46.48 -7.89 25.89
C SER N 30 46.97 -7.28 24.58
N LEU N 31 46.70 -5.98 24.41
CA LEU N 31 46.95 -5.33 23.13
C LEU N 31 48.14 -4.38 23.20
N ASP N 32 48.60 -4.09 24.41
CA ASP N 32 49.65 -3.08 24.65
C ASP N 32 49.25 -1.74 24.05
N ALA N 33 48.00 -1.35 24.31
CA ALA N 33 47.46 -0.08 23.86
C ALA N 33 47.25 0.79 25.08
N PRO N 34 47.42 2.11 24.93
CA PRO N 34 47.23 3.00 26.09
C PRO N 34 45.82 2.88 26.66
N LEU N 35 45.75 2.77 27.99
CA LEU N 35 44.47 2.62 28.70
C LEU N 35 43.49 3.72 28.33
N THR N 36 44.01 4.93 28.19
CA THR N 36 43.20 6.10 27.85
C THR N 36 42.50 5.95 26.50
N SER N 37 43.01 5.08 25.65
CA SER N 37 42.42 4.86 24.34
C SER N 37 41.35 3.76 24.39
N VAL N 38 41.23 3.10 25.53
CA VAL N 38 40.28 2.01 25.67
C VAL N 38 38.95 2.58 26.17
N ARG N 39 37.88 2.34 25.40
CA ARG N 39 36.56 2.83 25.77
C ARG N 39 35.55 1.69 25.96
N VAL N 40 34.74 1.79 27.00
CA VAL N 40 33.73 0.78 27.27
C VAL N 40 32.35 1.42 27.39
N ILE N 41 31.37 0.83 26.71
CA ILE N 41 29.98 1.26 26.83
C ILE N 41 29.11 0.07 27.22
N ILE N 42 28.24 0.28 28.20
CA ILE N 42 27.40 -0.80 28.72
C ILE N 42 25.96 -0.68 28.26
N THR N 43 25.38 -1.79 27.82
CA THR N 43 23.96 -1.83 27.49
C THR N 43 23.28 -2.93 28.31
N GLU N 44 22.23 -2.56 29.03
CA GLU N 44 21.48 -3.50 29.87
C GLU N 44 20.24 -4.02 29.16
N TYR N 45 19.84 -5.25 29.50
CA TYR N 45 18.64 -5.82 28.89
C TYR N 45 17.64 -6.34 29.91
N ALA N 46 16.41 -5.87 29.76
CA ALA N 46 15.26 -6.28 30.55
C ALA N 46 14.91 -7.75 30.32
N LYS N 47 14.11 -8.28 31.25
CA LYS N 47 13.77 -9.70 31.30
C LYS N 47 13.18 -10.21 29.99
N GLY N 48 12.37 -9.38 29.34
CA GLY N 48 11.76 -9.72 28.07
C GLY N 48 12.58 -9.43 26.83
N HIS N 49 13.81 -8.95 27.00
CA HIS N 49 14.60 -8.53 25.86
C HIS N 49 15.85 -9.37 25.64
N ALA N 50 15.95 -10.50 26.34
CA ALA N 50 17.11 -11.37 26.19
C ALA N 50 16.70 -12.83 26.08
N GLY N 51 17.18 -13.50 25.05
CA GLY N 51 16.81 -14.89 24.82
C GLY N 51 17.98 -15.83 24.75
N ILE N 52 17.82 -17.02 25.33
CA ILE N 52 18.82 -18.08 25.23
C ILE N 52 18.14 -19.39 24.83
N GLY N 53 18.00 -19.60 23.53
CA GLY N 53 17.42 -20.83 23.03
C GLY N 53 15.98 -20.64 22.61
N GLY N 54 15.63 -19.41 22.27
CA GLY N 54 14.27 -19.08 21.90
C GLY N 54 13.44 -18.73 23.11
N GLU N 55 14.06 -18.87 24.28
CA GLU N 55 13.37 -18.67 25.55
C GLU N 55 14.01 -17.53 26.34
N LEU N 56 13.22 -16.85 27.18
CA LEU N 56 13.78 -15.76 27.98
C LEU N 56 14.72 -16.33 29.02
N ALA N 57 15.73 -15.57 29.40
CA ALA N 57 16.72 -16.02 30.37
C ALA N 57 16.15 -16.06 31.78
N PRO O 1 25.49 -18.62 17.81
CA PRO O 1 25.07 -17.45 17.04
C PRO O 1 24.44 -16.36 17.91
N ILE O 2 24.75 -15.11 17.60
CA ILE O 2 24.22 -14.00 18.39
C ILE O 2 23.49 -13.03 17.45
N ALA O 3 22.23 -12.77 17.77
CA ALA O 3 21.42 -11.86 16.98
C ALA O 3 21.02 -10.61 17.76
N GLN O 4 21.39 -9.44 17.25
CA GLN O 4 20.93 -8.18 17.81
C GLN O 4 19.77 -7.65 17.00
N ILE O 5 18.61 -7.48 17.62
CA ILE O 5 17.45 -7.01 16.91
C ILE O 5 17.05 -5.61 17.37
N HIS O 6 17.12 -4.66 16.45
CA HIS O 6 16.76 -3.27 16.73
C HIS O 6 15.37 -2.99 16.21
N ILE O 7 14.46 -2.63 17.12
CA ILE O 7 13.08 -2.36 16.74
C ILE O 7 12.57 -1.08 17.39
N LEU O 8 11.49 -0.54 16.84
CA LEU O 8 10.84 0.61 17.44
C LEU O 8 10.03 0.15 18.64
N GLU O 9 10.00 0.97 19.68
CA GLU O 9 9.23 0.62 20.87
C GLU O 9 7.73 0.74 20.58
N GLY O 10 6.93 0.15 21.47
CA GLY O 10 5.49 0.24 21.37
C GLY O 10 4.82 -1.10 21.15
N ARG O 11 5.64 -2.13 20.92
CA ARG O 11 5.13 -3.47 20.70
C ARG O 11 5.07 -4.20 22.05
N SER O 12 4.24 -5.22 22.13
CA SER O 12 3.98 -5.91 23.39
C SER O 12 5.03 -6.95 23.81
N ASP O 13 4.97 -7.32 25.08
CA ASP O 13 5.83 -8.34 25.65
C ASP O 13 5.61 -9.66 24.91
N GLU O 14 4.37 -9.88 24.51
CA GLU O 14 3.98 -11.12 23.85
C GLU O 14 4.61 -11.22 22.47
N GLN O 15 4.63 -10.11 21.74
CA GLN O 15 5.25 -10.04 20.42
C GLN O 15 6.77 -10.26 20.43
N LYS O 16 7.44 -9.65 21.41
CA LYS O 16 8.90 -9.68 21.48
C LYS O 16 9.43 -11.03 21.95
N GLU O 17 8.66 -11.71 22.78
CA GLU O 17 9.00 -13.08 23.18
C GLU O 17 8.83 -14.03 21.99
N THR O 18 7.79 -13.80 21.19
CA THR O 18 7.59 -14.56 19.97
C THR O 18 8.73 -14.28 18.99
N LEU O 19 9.12 -13.01 18.92
CA LEU O 19 10.23 -12.57 18.09
C LEU O 19 11.52 -13.32 18.44
N ILE O 20 11.83 -13.38 19.72
CA ILE O 20 13.02 -14.07 20.22
C ILE O 20 12.96 -15.55 19.85
N ARG O 21 11.80 -16.15 20.08
CA ARG O 21 11.60 -17.57 19.80
C ARG O 21 11.73 -17.88 18.31
N GLU O 22 10.98 -17.17 17.48
CA GLU O 22 10.97 -17.45 16.04
C GLU O 22 12.30 -17.10 15.34
N VAL O 23 12.94 -16.01 15.74
CA VAL O 23 14.24 -15.66 15.15
C VAL O 23 15.27 -16.73 15.48
N SER O 24 15.26 -17.20 16.73
CA SER O 24 16.18 -18.25 17.16
C SER O 24 15.95 -19.53 16.39
N GLU O 25 14.69 -19.88 16.19
CA GLU O 25 14.32 -21.07 15.42
C GLU O 25 14.77 -20.91 13.97
N ALA O 26 14.56 -19.72 13.42
CA ALA O 26 14.95 -19.43 12.04
C ALA O 26 16.46 -19.58 11.88
N ILE O 27 17.21 -19.11 12.87
CA ILE O 27 18.66 -19.22 12.87
C ILE O 27 19.13 -20.67 12.98
N SER O 28 18.55 -21.39 13.93
CA SER O 28 18.91 -22.79 14.18
C SER O 28 18.64 -23.67 12.97
N ARG O 29 17.48 -23.48 12.35
CA ARG O 29 17.07 -24.28 11.20
C ARG O 29 17.96 -23.97 9.99
N SER O 30 18.19 -22.68 9.76
CA SER O 30 18.97 -22.23 8.60
C SER O 30 20.42 -22.70 8.65
N LEU O 31 20.97 -22.80 9.86
CA LEU O 31 22.40 -23.06 10.03
C LEU O 31 22.68 -24.47 10.50
N ASP O 32 21.61 -25.18 10.87
CA ASP O 32 21.72 -26.49 11.51
C ASP O 32 22.55 -26.34 12.77
N ALA O 33 22.25 -25.30 13.54
CA ALA O 33 22.97 -25.06 14.77
C ALA O 33 22.03 -25.35 15.93
N PRO O 34 22.56 -25.89 17.02
CA PRO O 34 21.72 -26.18 18.19
C PRO O 34 21.10 -24.90 18.73
N LEU O 35 19.80 -24.96 19.00
CA LEU O 35 19.03 -23.82 19.49
C LEU O 35 19.67 -23.24 20.75
N THR O 36 20.19 -24.12 21.60
CA THR O 36 20.82 -23.72 22.86
C THR O 36 22.01 -22.78 22.66
N SER O 37 22.60 -22.80 21.46
CA SER O 37 23.74 -21.95 21.16
C SER O 37 23.31 -20.59 20.63
N VAL O 38 22.00 -20.43 20.41
CA VAL O 38 21.48 -19.20 19.84
C VAL O 38 21.09 -18.17 20.90
N ARG O 39 21.68 -16.98 20.80
CA ARG O 39 21.34 -15.87 21.68
C ARG O 39 20.78 -14.66 20.94
N VAL O 40 19.69 -14.11 21.50
CA VAL O 40 19.03 -12.96 20.93
C VAL O 40 18.87 -11.85 21.96
N ILE O 41 19.24 -10.63 21.58
CA ILE O 41 19.01 -9.46 22.42
C ILE O 41 18.26 -8.38 21.68
N ILE O 42 17.25 -7.82 22.33
CA ILE O 42 16.42 -6.81 21.72
C ILE O 42 16.76 -5.42 22.25
N THR O 43 16.88 -4.46 21.34
CA THR O 43 17.06 -3.07 21.72
C THR O 43 15.91 -2.27 21.12
N GLU O 44 15.21 -1.52 21.97
CA GLU O 44 14.08 -0.73 21.53
C GLU O 44 14.49 0.71 21.26
N TYR O 45 13.83 1.36 20.28
CA TYR O 45 14.14 2.74 19.98
C TYR O 45 12.88 3.62 19.95
N ALA O 46 12.91 4.69 20.74
CA ALA O 46 11.85 5.70 20.77
C ALA O 46 11.81 6.46 19.43
N LYS O 47 10.69 7.12 19.14
CA LYS O 47 10.49 7.76 17.83
C LYS O 47 11.56 8.78 17.45
N GLY O 48 12.11 9.49 18.44
CA GLY O 48 13.14 10.48 18.16
C GLY O 48 14.54 9.89 18.02
N HIS O 49 14.65 8.57 18.11
CA HIS O 49 15.95 7.93 18.07
C HIS O 49 16.11 7.03 16.85
N ALA O 50 15.18 7.14 15.91
CA ALA O 50 15.22 6.34 14.70
C ALA O 50 14.92 7.20 13.48
N GLY O 51 15.81 7.14 12.49
CA GLY O 51 15.66 7.93 11.28
C GLY O 51 15.67 7.11 10.01
N ILE O 52 14.80 7.49 9.08
CA ILE O 52 14.77 6.88 7.75
C ILE O 52 14.76 7.95 6.64
N GLY O 53 15.96 8.36 6.24
CA GLY O 53 16.11 9.31 5.17
C GLY O 53 16.38 10.68 5.76
N GLY O 54 16.92 10.67 6.97
CA GLY O 54 17.19 11.90 7.70
C GLY O 54 15.99 12.33 8.52
N GLU O 55 14.89 11.60 8.38
CA GLU O 55 13.64 12.00 9.05
C GLU O 55 13.12 10.97 10.04
N LEU O 56 12.44 11.47 11.07
CA LEU O 56 11.89 10.62 12.12
C LEU O 56 10.70 9.81 11.60
N ALA O 57 10.47 8.64 12.18
CA ALA O 57 9.36 7.78 11.78
C ALA O 57 8.03 8.35 12.27
N PRO P 1 12.74 -2.44 11.29
CA PRO P 1 13.51 -3.28 12.22
C PRO P 1 14.81 -3.77 11.60
N ILE P 2 15.87 -3.80 12.41
CA ILE P 2 17.20 -4.18 11.94
C ILE P 2 17.79 -5.32 12.77
N ALA P 3 18.18 -6.40 12.10
CA ALA P 3 18.80 -7.51 12.79
C ALA P 3 20.26 -7.70 12.37
N GLN P 4 21.16 -7.61 13.34
CA GLN P 4 22.56 -7.95 13.07
C GLN P 4 22.85 -9.34 13.63
N ILE P 5 23.26 -10.25 12.77
CA ILE P 5 23.52 -11.63 13.19
C ILE P 5 25.00 -11.97 13.15
N HIS P 6 25.53 -12.32 14.33
CA HIS P 6 26.93 -12.68 14.49
C HIS P 6 27.09 -14.19 14.52
N ILE P 7 27.84 -14.73 13.55
CA ILE P 7 28.04 -16.16 13.45
C ILE P 7 29.50 -16.51 13.20
N LEU P 8 29.88 -17.75 13.49
CA LEU P 8 31.21 -18.24 13.16
C LEU P 8 31.27 -18.52 11.67
N GLU P 9 32.43 -18.27 11.06
CA GLU P 9 32.60 -18.50 9.64
C GLU P 9 32.54 -19.99 9.35
N GLY P 10 32.35 -20.34 8.08
CA GLY P 10 32.31 -21.74 7.71
C GLY P 10 30.97 -22.14 7.12
N ARG P 11 30.01 -21.22 7.12
CA ARG P 11 28.72 -21.57 6.56
C ARG P 11 28.72 -21.23 5.08
N SER P 12 27.86 -21.91 4.31
CA SER P 12 27.84 -21.69 2.87
C SER P 12 27.03 -20.43 2.56
N ASP P 13 27.19 -19.90 1.35
CA ASP P 13 26.43 -18.73 0.93
C ASP P 13 24.93 -18.99 0.99
N GLU P 14 24.56 -20.22 0.62
CA GLU P 14 23.16 -20.62 0.53
C GLU P 14 22.54 -20.68 1.92
N GLN P 15 23.30 -21.19 2.88
CA GLN P 15 22.84 -21.24 4.26
C GLN P 15 22.64 -19.83 4.80
N LYS P 16 23.55 -18.93 4.44
CA LYS P 16 23.49 -17.55 4.90
C LYS P 16 22.42 -16.75 4.17
N GLU P 17 22.15 -17.11 2.91
CA GLU P 17 21.04 -16.50 2.19
C GLU P 17 19.70 -16.98 2.77
N THR P 18 19.64 -18.25 3.13
CA THR P 18 18.47 -18.81 3.80
C THR P 18 18.28 -18.18 5.17
N LEU P 19 19.39 -17.98 5.87
CA LEU P 19 19.37 -17.33 7.19
C LEU P 19 18.73 -15.95 7.11
N ILE P 20 19.18 -15.15 6.14
CA ILE P 20 18.66 -13.81 5.92
C ILE P 20 17.18 -13.86 5.59
N ARG P 21 16.81 -14.78 4.69
CA ARG P 21 15.44 -14.90 4.23
C ARG P 21 14.50 -15.24 5.39
N GLU P 22 14.82 -16.32 6.10
CA GLU P 22 13.95 -16.81 7.17
C GLU P 22 13.90 -15.89 8.40
N VAL P 23 15.03 -15.31 8.78
CA VAL P 23 15.05 -14.38 9.91
C VAL P 23 14.18 -13.16 9.61
N SER P 24 14.26 -12.67 8.38
CA SER P 24 13.47 -11.51 7.97
C SER P 24 11.98 -11.81 8.06
N GLU P 25 11.59 -12.99 7.58
CA GLU P 25 10.20 -13.42 7.64
C GLU P 25 9.74 -13.62 9.08
N ALA P 26 10.61 -14.22 9.88
CA ALA P 26 10.31 -14.46 11.29
C ALA P 26 10.06 -13.14 12.02
N ILE P 27 10.87 -12.14 11.69
CA ILE P 27 10.71 -10.81 12.26
C ILE P 27 9.39 -10.19 11.80
N SER P 28 9.13 -10.27 10.50
CA SER P 28 7.92 -9.72 9.91
C SER P 28 6.67 -10.40 10.49
N ARG P 29 6.73 -11.71 10.59
CA ARG P 29 5.61 -12.50 11.10
C ARG P 29 5.37 -12.26 12.60
N SER P 30 6.45 -12.25 13.38
CA SER P 30 6.36 -12.11 14.84
C SER P 30 5.81 -10.74 15.23
N LEU P 31 6.10 -9.74 14.41
CA LEU P 31 5.81 -8.35 14.73
C LEU P 31 4.65 -7.80 13.93
N ASP P 32 4.23 -8.57 12.94
CA ASP P 32 3.20 -8.12 12.00
C ASP P 32 3.69 -6.83 11.34
N ALA P 33 4.96 -6.84 10.95
CA ALA P 33 5.58 -5.71 10.29
C ALA P 33 5.81 -6.06 8.84
N PRO P 34 5.71 -5.08 7.94
CA PRO P 34 5.94 -5.38 6.53
C PRO P 34 7.34 -5.92 6.30
N LEU P 35 7.43 -7.03 5.56
CA LEU P 35 8.69 -7.68 5.25
C LEU P 35 9.68 -6.69 4.62
N THR P 36 9.14 -5.80 3.80
CA THR P 36 9.93 -4.81 3.08
C THR P 36 10.72 -3.88 4.01
N SER P 37 10.29 -3.76 5.25
CA SER P 37 10.95 -2.88 6.22
C SER P 37 12.05 -3.60 7.01
N VAL P 38 12.18 -4.90 6.80
CA VAL P 38 13.13 -5.69 7.58
C VAL P 38 14.52 -5.78 6.95
N ARG P 39 15.53 -5.40 7.74
CA ARG P 39 16.93 -5.50 7.36
C ARG P 39 17.73 -6.46 8.21
N VAL P 40 18.53 -7.27 7.54
CA VAL P 40 19.41 -8.23 8.20
C VAL P 40 20.83 -8.05 7.68
N ILE P 41 21.78 -7.96 8.61
CA ILE P 41 23.19 -7.92 8.24
C ILE P 41 23.96 -9.01 8.98
N ILE P 42 24.79 -9.73 8.24
CA ILE P 42 25.54 -10.85 8.81
C ILE P 42 27.00 -10.49 9.00
N THR P 43 27.54 -10.83 10.18
CA THR P 43 28.96 -10.69 10.44
C THR P 43 29.55 -12.04 10.80
N GLU P 44 30.60 -12.44 10.08
CA GLU P 44 31.26 -13.71 10.32
C GLU P 44 32.49 -13.52 11.20
N TYR P 45 32.81 -14.55 11.99
CA TYR P 45 33.98 -14.47 12.85
C TYR P 45 34.92 -15.67 12.66
N ALA P 46 36.18 -15.34 12.37
CA ALA P 46 37.25 -16.31 12.25
C ALA P 46 37.51 -16.98 13.61
N LYS P 47 38.19 -18.12 13.58
CA LYS P 47 38.38 -18.96 14.77
C LYS P 47 39.03 -18.23 15.95
N GLY P 48 39.96 -17.33 15.65
CA GLY P 48 40.64 -16.56 16.68
C GLY P 48 39.88 -15.34 17.16
N HIS P 49 38.66 -15.15 16.65
CA HIS P 49 37.90 -13.95 16.97
C HIS P 49 36.61 -14.21 17.75
N ALA P 50 36.44 -15.44 18.22
CA ALA P 50 35.23 -15.79 18.96
C ALA P 50 35.57 -16.61 20.20
N GLY P 51 35.09 -16.16 21.35
CA GLY P 51 35.40 -16.84 22.59
C GLY P 51 34.17 -17.26 23.38
N ILE P 52 34.22 -18.44 23.97
CA ILE P 52 33.16 -18.93 24.85
C ILE P 52 33.77 -19.46 26.15
N GLY P 53 33.99 -18.56 27.11
CA GLY P 53 34.51 -18.94 28.41
C GLY P 53 35.99 -18.61 28.52
N GLY P 54 36.44 -17.65 27.73
CA GLY P 54 37.84 -17.28 27.69
C GLY P 54 38.66 -18.08 26.69
N GLU P 55 38.04 -19.09 26.07
CA GLU P 55 38.73 -19.95 25.13
C GLU P 55 38.04 -19.86 23.76
N LEU P 56 38.79 -20.10 22.68
CA LEU P 56 38.20 -19.98 21.35
C LEU P 56 37.16 -21.08 21.12
N ALA P 57 36.15 -20.75 20.32
CA ALA P 57 35.08 -21.69 20.01
C ALA P 57 35.54 -22.77 19.06
N PRO Q 1 22.26 1.61 3.76
CA PRO Q 1 23.29 1.87 4.78
C PRO Q 1 22.68 2.15 6.16
N ILE Q 2 23.32 1.63 7.19
CA ILE Q 2 22.80 1.74 8.55
C ILE Q 2 23.82 2.36 9.49
N ALA Q 3 23.44 3.42 10.18
CA ALA Q 3 24.33 4.05 11.15
C ALA Q 3 23.77 3.94 12.56
N GLN Q 4 24.51 3.29 13.45
CA GLN Q 4 24.17 3.31 14.86
C GLN Q 4 25.07 4.30 15.55
N ILE Q 5 24.45 5.32 16.17
CA ILE Q 5 25.20 6.37 16.82
C ILE Q 5 25.04 6.27 18.33
N HIS Q 6 26.16 6.05 19.02
CA HIS Q 6 26.15 5.93 20.47
C HIS Q 6 26.58 7.24 21.10
N ILE Q 7 25.70 7.82 21.90
CA ILE Q 7 25.97 9.11 22.53
C ILE Q 7 25.60 9.07 24.01
N LEU Q 8 26.16 10.01 24.76
CA LEU Q 8 25.81 10.17 26.17
C LEU Q 8 24.44 10.82 26.27
N GLU Q 9 23.67 10.43 27.28
CA GLU Q 9 22.35 11.02 27.46
C GLU Q 9 22.51 12.48 27.89
N GLY Q 10 21.45 13.26 27.75
CA GLY Q 10 21.51 14.66 28.13
C GLY Q 10 21.24 15.59 26.97
N ARG Q 11 21.08 15.04 25.77
CA ARG Q 11 20.81 15.84 24.59
C ARG Q 11 19.32 16.10 24.38
N SER Q 12 19.03 17.20 23.70
CA SER Q 12 17.65 17.63 23.47
C SER Q 12 17.04 16.89 22.28
N ASP Q 13 15.72 16.95 22.18
CA ASP Q 13 15.01 16.35 21.07
C ASP Q 13 15.46 16.94 19.74
N GLU Q 14 15.69 18.25 19.75
CA GLU Q 14 16.04 18.97 18.54
C GLU Q 14 17.45 18.63 18.06
N GLN Q 15 18.38 18.49 19.00
CA GLN Q 15 19.76 18.12 18.70
C GLN Q 15 19.85 16.72 18.09
N LYS Q 16 19.08 15.78 18.63
CA LYS Q 16 19.11 14.41 18.14
C LYS Q 16 18.37 14.26 16.82
N GLU Q 17 17.38 15.10 16.57
CA GLU Q 17 16.71 15.11 15.27
C GLU Q 17 17.64 15.65 14.18
N THR Q 18 18.38 16.70 14.52
CA THR Q 18 19.36 17.28 13.61
C THR Q 18 20.49 16.29 13.31
N LEU Q 19 20.91 15.56 14.35
CA LEU Q 19 21.92 14.53 14.21
C LEU Q 19 21.50 13.52 13.15
N ILE Q 20 20.27 13.05 13.27
CA ILE Q 20 19.72 12.09 12.31
C ILE Q 20 19.70 12.69 10.91
N ARG Q 21 19.24 13.93 10.80
CA ARG Q 21 19.14 14.56 9.50
C ARG Q 21 20.49 14.73 8.82
N GLU Q 22 21.41 15.40 9.49
CA GLU Q 22 22.72 15.71 8.92
C GLU Q 22 23.64 14.48 8.74
N VAL Q 23 23.60 13.51 9.67
CA VAL Q 23 24.39 12.29 9.50
C VAL Q 23 23.89 11.51 8.28
N SER Q 24 22.57 11.40 8.13
CA SER Q 24 21.98 10.70 7.00
C SER Q 24 22.39 11.42 5.74
N GLU Q 25 22.36 12.74 5.83
CA GLU Q 25 22.74 13.62 4.73
C GLU Q 25 24.21 13.44 4.37
N ALA Q 26 25.05 13.38 5.39
CA ALA Q 26 26.49 13.19 5.20
C ALA Q 26 26.82 11.84 4.55
N ILE Q 27 26.11 10.80 5.00
CA ILE Q 27 26.30 9.45 4.46
C ILE Q 27 25.89 9.40 2.99
N SER Q 28 24.73 9.98 2.69
CA SER Q 28 24.20 10.01 1.33
C SER Q 28 25.14 10.76 0.39
N ARG Q 29 25.68 11.92 0.82
CA ARG Q 29 26.57 12.66 -0.05
C ARG Q 29 27.86 11.94 -0.31
N SER Q 30 28.46 11.43 0.77
CA SER Q 30 29.78 10.83 0.70
C SER Q 30 29.82 9.59 -0.19
N LEU Q 31 28.69 8.89 -0.25
CA LEU Q 31 28.65 7.60 -0.92
C LEU Q 31 27.90 7.67 -2.23
N ASP Q 32 27.22 8.80 -2.47
CA ASP Q 32 26.33 8.94 -3.61
C ASP Q 32 25.27 7.85 -3.56
N ALA Q 33 24.72 7.66 -2.37
CA ALA Q 33 23.68 6.68 -2.14
C ALA Q 33 22.38 7.44 -1.91
N PRO Q 34 21.25 6.86 -2.34
CA PRO Q 34 19.97 7.54 -2.15
C PRO Q 34 19.69 7.80 -0.67
N LEU Q 35 19.29 9.03 -0.35
CA LEU Q 35 18.99 9.43 1.02
C LEU Q 35 17.94 8.52 1.65
N THR Q 36 16.94 8.14 0.85
CA THR Q 36 15.85 7.29 1.30
C THR Q 36 16.34 5.93 1.81
N SER Q 37 17.54 5.54 1.40
CA SER Q 37 18.09 4.25 1.80
C SER Q 37 18.88 4.33 3.10
N VAL Q 38 19.04 5.54 3.63
CA VAL Q 38 19.85 5.73 4.84
C VAL Q 38 19.04 5.61 6.12
N ARG Q 39 19.50 4.71 6.99
CA ARG Q 39 18.91 4.53 8.31
C ARG Q 39 19.87 4.87 9.43
N VAL Q 40 19.35 5.61 10.40
CA VAL Q 40 20.12 6.04 11.56
C VAL Q 40 19.37 5.65 12.83
N ILE Q 41 20.08 5.01 13.74
CA ILE Q 41 19.50 4.68 15.03
C ILE Q 41 20.38 5.22 16.16
N ILE Q 42 19.74 5.87 17.14
CA ILE Q 42 20.48 6.47 18.24
C ILE Q 42 20.35 5.66 19.52
N THR Q 43 21.47 5.44 20.19
CA THR Q 43 21.45 4.80 21.50
C THR Q 43 22.13 5.72 22.52
N GLU Q 44 21.42 6.01 23.60
CA GLU Q 44 21.97 6.87 24.65
C GLU Q 44 22.52 6.03 25.78
N TYR Q 45 23.53 6.54 26.46
CA TYR Q 45 24.12 5.82 27.57
C TYR Q 45 24.15 6.67 28.82
N ALA Q 46 23.61 6.13 29.90
CA ALA Q 46 23.66 6.83 31.17
C ALA Q 46 25.11 6.97 31.58
N LYS Q 47 25.35 7.98 32.41
CA LYS Q 47 26.68 8.41 32.80
C LYS Q 47 27.49 7.29 33.47
N GLY Q 48 26.79 6.40 34.17
CA GLY Q 48 27.43 5.26 34.80
C GLY Q 48 27.65 4.07 33.86
N HIS Q 49 27.32 4.24 32.58
CA HIS Q 49 27.42 3.15 31.60
C HIS Q 49 28.45 3.39 30.50
N ALA Q 50 29.28 4.40 30.68
CA ALA Q 50 30.27 4.74 29.67
C ALA Q 50 31.64 4.97 30.31
N GLY Q 51 32.65 4.30 29.78
CA GLY Q 51 33.98 4.40 30.34
C GLY Q 51 35.05 4.88 29.37
N ILE Q 52 35.94 5.72 29.88
CA ILE Q 52 37.09 6.20 29.12
C ILE Q 52 38.38 6.06 29.93
N GLY Q 53 39.01 4.89 29.79
CA GLY Q 53 40.29 4.65 30.45
C GLY Q 53 40.07 3.83 31.70
N GLY Q 54 38.98 3.08 31.72
CA GLY Q 54 38.62 2.29 32.88
C GLY Q 54 37.82 3.12 33.86
N GLU Q 55 37.66 4.40 33.54
CA GLU Q 55 37.01 5.34 34.43
C GLU Q 55 35.76 5.93 33.79
N LEU Q 56 34.78 6.30 34.61
CA LEU Q 56 33.53 6.86 34.08
C LEU Q 56 33.77 8.24 33.47
N PRO R 1 31.41 10.27 21.73
CA PRO R 1 30.38 9.69 20.85
C PRO R 1 30.98 8.72 19.83
N ILE R 2 30.30 7.61 19.60
CA ILE R 2 30.79 6.57 18.69
C ILE R 2 29.75 6.22 17.64
N ALA R 3 30.14 6.28 16.37
CA ALA R 3 29.25 5.94 15.27
C ALA R 3 29.70 4.68 14.54
N GLN R 4 28.82 3.69 14.50
CA GLN R 4 29.06 2.49 13.70
C GLN R 4 28.28 2.60 12.39
N ILE R 5 29.00 2.58 11.27
CA ILE R 5 28.37 2.73 9.97
C ILE R 5 28.47 1.43 9.16
N HIS R 6 27.32 0.86 8.87
CA HIS R 6 27.24 -0.37 8.09
C HIS R 6 26.87 -0.07 6.63
N ILE R 7 27.76 -0.43 5.72
CA ILE R 7 27.55 -0.17 4.30
C ILE R 7 27.87 -1.41 3.47
N LEU R 8 27.36 -1.44 2.25
CA LEU R 8 27.68 -2.51 1.32
C LEU R 8 29.10 -2.31 0.78
N GLU R 9 29.82 -3.39 0.55
CA GLU R 9 31.17 -3.28 0.00
C GLU R 9 31.07 -2.85 -1.46
N GLY R 10 32.17 -2.38 -2.01
CA GLY R 10 32.20 -1.98 -3.41
C GLY R 10 32.53 -0.51 -3.56
N ARG R 11 32.60 0.20 -2.44
CA ARG R 11 32.92 1.62 -2.46
C ARG R 11 34.42 1.89 -2.36
N SER R 12 34.83 3.05 -2.85
CA SER R 12 36.24 3.40 -2.91
C SER R 12 36.78 3.91 -1.56
N ASP R 13 38.10 3.90 -1.43
CA ASP R 13 38.77 4.37 -0.21
C ASP R 13 38.51 5.85 0.11
N GLU R 14 38.50 6.69 -0.91
CA GLU R 14 38.33 8.12 -0.69
C GLU R 14 36.89 8.44 -0.26
N GLN R 15 35.93 7.70 -0.80
CA GLN R 15 34.53 7.86 -0.39
C GLN R 15 34.36 7.56 1.09
N LYS R 16 35.05 6.51 1.55
CA LYS R 16 34.93 6.08 2.94
C LYS R 16 35.68 7.00 3.90
N GLU R 17 36.77 7.61 3.43
CA GLU R 17 37.46 8.62 4.23
C GLU R 17 36.62 9.88 4.31
N THR R 18 36.00 10.24 3.19
CA THR R 18 35.08 11.37 3.14
C THR R 18 33.86 11.10 4.02
N LEU R 19 33.40 9.86 3.97
CA LEU R 19 32.28 9.41 4.79
C LEU R 19 32.59 9.66 6.27
N ILE R 20 33.80 9.26 6.68
CA ILE R 20 34.24 9.42 8.06
C ILE R 20 34.29 10.89 8.48
N ARG R 21 34.84 11.76 7.63
CA ARG R 21 34.96 13.18 7.96
C ARG R 21 33.61 13.85 8.13
N GLU R 22 32.76 13.71 7.12
CA GLU R 22 31.50 14.41 7.07
C GLU R 22 30.56 13.92 8.17
N VAL R 23 30.57 12.62 8.41
CA VAL R 23 29.77 12.05 9.50
C VAL R 23 30.28 12.56 10.86
N SER R 24 31.60 12.59 11.03
CA SER R 24 32.18 13.06 12.29
C SER R 24 31.82 14.53 12.51
N GLU R 25 31.93 15.32 11.46
CA GLU R 25 31.58 16.74 11.51
C GLU R 25 30.08 16.91 11.75
N ALA R 26 29.28 16.11 11.05
CA ALA R 26 27.83 16.17 11.19
C ALA R 26 27.41 15.82 12.62
N ILE R 27 28.09 14.84 13.20
CA ILE R 27 27.83 14.45 14.58
C ILE R 27 28.19 15.58 15.53
N SER R 28 29.36 16.14 15.33
CA SER R 28 29.86 17.23 16.19
C SER R 28 29.00 18.49 16.16
N ARG R 29 28.57 18.91 14.97
CA ARG R 29 27.79 20.14 14.85
C ARG R 29 26.44 19.96 15.52
N SER R 30 25.80 18.84 15.25
CA SER R 30 24.45 18.58 15.74
C SER R 30 24.36 18.47 17.25
N LEU R 31 25.43 17.99 17.89
CA LEU R 31 25.42 17.69 19.32
C LEU R 31 26.20 18.70 20.15
N ASP R 32 26.87 19.63 19.47
CA ASP R 32 27.76 20.60 20.12
C ASP R 32 28.87 19.86 20.86
N ALA R 33 29.43 18.85 20.19
CA ALA R 33 30.52 18.04 20.75
C ALA R 33 31.86 18.23 20.05
N PRO R 34 32.97 18.14 20.80
CA PRO R 34 34.31 18.26 20.20
C PRO R 34 34.56 17.15 19.17
N LEU R 35 35.04 17.52 17.98
CA LEU R 35 35.31 16.54 16.93
C LEU R 35 36.31 15.47 17.38
N THR R 36 37.33 15.89 18.12
CA THR R 36 38.39 14.99 18.57
C THR R 36 37.84 13.84 19.43
N SER R 37 36.66 14.03 19.99
CA SER R 37 36.02 13.01 20.81
C SER R 37 35.15 12.09 19.95
N VAL R 38 35.02 12.43 18.68
CA VAL R 38 34.16 11.66 17.77
C VAL R 38 34.91 10.52 17.10
N ARG R 39 34.39 9.31 17.27
CA ARG R 39 34.97 8.14 16.63
C ARG R 39 33.99 7.48 15.68
N VAL R 40 34.49 7.13 14.50
CA VAL R 40 33.68 6.46 13.49
C VAL R 40 34.37 5.18 13.07
N ILE R 41 33.62 4.08 13.04
CA ILE R 41 34.12 2.81 12.56
C ILE R 41 33.21 2.29 11.46
N ILE R 42 33.81 1.85 10.36
CA ILE R 42 33.06 1.39 9.21
C ILE R 42 33.09 -0.14 9.10
N THR R 43 31.92 -0.73 8.83
CA THR R 43 31.84 -2.15 8.57
C THR R 43 31.25 -2.38 7.20
N GLU R 44 31.96 -3.15 6.37
CA GLU R 44 31.51 -3.44 5.02
C GLU R 44 30.78 -4.77 4.96
N TYR R 45 29.80 -4.89 4.07
CA TYR R 45 29.09 -6.14 3.94
C TYR R 45 29.02 -6.65 2.50
N ALA R 46 29.46 -7.88 2.33
CA ALA R 46 29.40 -8.59 1.05
C ALA R 46 27.94 -8.84 0.64
N LYS R 47 27.74 -9.11 -0.64
CA LYS R 47 26.40 -9.25 -1.21
C LYS R 47 25.55 -10.31 -0.49
N GLY R 48 26.20 -11.39 -0.05
CA GLY R 48 25.51 -12.45 0.67
C GLY R 48 25.33 -12.22 2.16
N HIS R 49 25.75 -11.07 2.67
CA HIS R 49 25.68 -10.81 4.10
C HIS R 49 24.76 -9.65 4.47
N ALA R 50 23.99 -9.18 3.51
CA ALA R 50 23.06 -8.07 3.75
C ALA R 50 21.70 -8.35 3.12
N GLY R 51 20.64 -8.20 3.90
CA GLY R 51 19.31 -8.47 3.39
C GLY R 51 18.38 -7.28 3.50
N ILE R 52 17.59 -7.07 2.46
CA ILE R 52 16.57 -6.01 2.45
C ILE R 52 15.22 -6.54 1.97
N GLY R 53 14.44 -7.07 2.91
CA GLY R 53 13.10 -7.52 2.58
C GLY R 53 13.09 -9.02 2.41
N GLY R 54 14.07 -9.67 3.05
CA GLY R 54 14.25 -11.10 2.90
C GLY R 54 15.17 -11.44 1.73
N GLU R 55 15.57 -10.42 0.99
CA GLU R 55 16.42 -10.63 -0.20
C GLU R 55 17.77 -9.93 -0.09
N LEU R 56 18.76 -10.48 -0.78
CA LEU R 56 20.10 -9.95 -0.72
C LEU R 56 20.17 -8.57 -1.37
N ALA R 57 21.05 -7.72 -0.84
CA ALA R 57 21.22 -6.37 -1.34
C ALA R 57 21.99 -6.37 -2.66
OAA NS8 S . 24.42 -16.36 29.74
OAA NS8 S . 25.52 -16.48 28.17
NAK NS8 S . 24.93 -16.01 28.70
NAK NS8 S . 24.81 -16.00 29.00
OAB NS8 S . 25.66 -16.76 28.14
OAB NS8 S . 24.39 -16.68 29.90
CAD NS8 S . 24.60 -14.79 28.09
CAD NS8 S . 24.35 -14.69 28.93
CAC NS8 S . 24.09 -13.84 28.83
CAC NS8 S . 24.33 -14.08 27.78
CAJ NS8 S . 23.60 -12.63 28.21
CAJ NS8 S . 23.75 -12.76 27.73
CAH NS8 S . 22.97 -12.72 27.00
CAH NS8 S . 22.97 -12.44 26.64
CAF NS8 S . 22.50 -11.59 26.41
CAF NS8 S . 22.43 -11.20 26.57
CAE NS8 S . 22.62 -10.39 27.04
CAE NS8 S . 22.64 -10.28 27.55
CAG NS8 S . 23.23 -10.32 28.25
CAG NS8 S . 23.40 -10.63 28.62
CAI NS8 S . 23.71 -11.44 28.85
CAI NS8 S . 23.95 -11.87 28.73
#